data_5MTH
#
_entry.id   5MTH
#
_cell.length_a   41.450
_cell.length_b   111.770
_cell.length_c   95.640
_cell.angle_alpha   90.000
_cell.angle_beta   90.560
_cell.angle_gamma   90.000
#
_symmetry.space_group_name_H-M   'P 1 21 1'
#
loop_
_entity.id
_entity.type
_entity.pdbx_description
1 polymer 'antibody Fab heavy chain'
2 polymer 'antibody Fab light chain'
3 branched alpha-D-glucopyranose-(1-1)-alpha-D-glucopyranose
4 non-polymer 'ACETATE ION'
5 water water
#
loop_
_entity_poly.entity_id
_entity_poly.type
_entity_poly.pdbx_seq_one_letter_code
_entity_poly.pdbx_strand_id
1 'polypeptide(L)'
;(PCA)VQLQQSGPELVKPGTSVKMPCKASGYIFTDYVISWVKQRTGQGLEWIGEIFPRSGSTYYNEKFKGKATLTADKSS
NTAYMQLSSVTSEDSAVYFCARDYYGTSFAMDYWGQGTSVTVSSAKTTPPSVYPLAPGSAAQTNSMVTLGCLVKGYFPEP
VTVTWNSGSLSSGVHTFPAVLQSDLYTLSSSVTVPSSTWPSETVTCNVAHPASSTKVDKKIVPRD
;
H,A
2 'polypeptide(L)'
;DIVMSQSPSSLAVSAGEKVTMSCKSSQSLLNSRTRKNYLAWYQQKPGQSPKLLIYWASTRESGVPDRFTGSGSGTDFTLT
ISSVQAEDLAVYYCKQSFYLRTFGGGTKLDIKRADAAPTVSIFPPSSEQLTSGGASVVCFLNNFYPKDINVRWKIDGSER
QNGVLNSWTDQDSKDSTYSMSSTLTLTKDEYERHNSYTCEATHKTSTSPIVKSFNRNEC
;
L,B
#
# COMPACT_ATOMS: atom_id res chain seq x y z
N VAL A 2 25.56 -4.98 12.94
CA VAL A 2 26.05 -5.12 11.52
C VAL A 2 24.85 -5.23 10.62
N GLN A 3 24.77 -4.37 9.62
CA GLN A 3 23.74 -4.49 8.59
C GLN A 3 24.29 -4.15 7.21
N LEU A 4 23.77 -4.84 6.22
CA LEU A 4 24.08 -4.57 4.80
C LEU A 4 22.73 -4.35 4.17
N GLN A 5 22.46 -3.11 3.77
N GLN A 5 22.44 -3.10 3.80
CA GLN A 5 21.18 -2.70 3.29
CA GLN A 5 21.15 -2.74 3.29
C GLN A 5 21.23 -2.58 1.76
C GLN A 5 21.22 -2.59 1.76
N GLN A 6 20.52 -3.46 1.08
CA GLN A 6 20.46 -3.46 -0.37
C GLN A 6 19.21 -2.73 -0.90
N SER A 7 19.26 -2.23 -2.12
CA SER A 7 18.05 -1.69 -2.77
C SER A 7 16.93 -2.73 -3.10
N GLY A 8 15.73 -2.22 -3.39
CA GLY A 8 14.58 -3.06 -3.63
C GLY A 8 14.67 -3.53 -5.09
N PRO A 9 13.61 -4.16 -5.60
CA PRO A 9 13.57 -4.79 -6.93
C PRO A 9 13.80 -3.78 -8.07
N GLU A 10 14.40 -4.25 -9.13
CA GLU A 10 14.88 -3.44 -10.25
C GLU A 10 14.35 -4.14 -11.50
N LEU A 11 13.43 -3.52 -12.20
CA LEU A 11 13.05 -4.02 -13.52
C LEU A 11 13.81 -3.15 -14.50
N VAL A 12 14.63 -3.76 -15.33
CA VAL A 12 15.49 -3.06 -16.27
C VAL A 12 15.41 -3.61 -17.69
N LYS A 13 15.54 -2.75 -18.67
CA LYS A 13 15.38 -3.13 -20.06
C LYS A 13 16.66 -3.79 -20.59
N PRO A 14 16.51 -4.78 -21.45
CA PRO A 14 17.68 -5.48 -22.09
C PRO A 14 18.61 -4.48 -22.70
N GLY A 15 19.92 -4.68 -22.54
CA GLY A 15 20.84 -3.76 -23.17
C GLY A 15 21.28 -2.60 -22.31
N THR A 16 20.59 -2.30 -21.18
CA THR A 16 20.88 -1.15 -20.31
C THR A 16 21.85 -1.55 -19.23
N SER A 17 22.21 -0.61 -18.36
CA SER A 17 23.09 -0.97 -17.22
C SER A 17 22.28 -0.81 -15.96
N VAL A 18 22.62 -1.54 -14.94
CA VAL A 18 21.97 -1.33 -13.61
C VAL A 18 23.06 -1.25 -12.57
N LYS A 19 22.86 -0.35 -11.60
CA LYS A 19 23.83 -0.18 -10.53
C LYS A 19 23.17 -0.23 -9.21
N MET A 20 23.56 -1.17 -8.41
CA MET A 20 22.90 -1.42 -7.16
C MET A 20 23.79 -1.21 -5.96
N PRO A 21 23.22 -0.64 -4.89
CA PRO A 21 23.98 -0.31 -3.70
C PRO A 21 23.87 -1.38 -2.64
N CYS A 22 24.92 -1.41 -1.82
CA CYS A 22 24.91 -2.20 -0.62
C CYS A 22 25.45 -1.34 0.48
N LYS A 23 24.55 -0.79 1.34
CA LYS A 23 24.98 0.18 2.35
C LYS A 23 25.28 -0.53 3.66
N ALA A 24 26.54 -0.46 4.08
CA ALA A 24 27.10 -1.13 5.25
C ALA A 24 26.98 -0.15 6.41
N SER A 25 26.55 -0.67 7.52
CA SER A 25 26.63 0.04 8.82
C SER A 25 26.92 -0.92 9.92
N GLY A 26 27.32 -0.38 11.08
CA GLY A 26 27.52 -1.19 12.30
C GLY A 26 28.85 -1.83 12.54
N TYR A 27 29.83 -1.60 11.65
CA TYR A 27 31.20 -2.08 11.80
C TYR A 27 32.16 -1.21 11.01
N ILE A 28 33.47 -1.45 11.17
CA ILE A 28 34.47 -0.74 10.38
C ILE A 28 34.52 -1.28 8.89
N PHE A 29 33.95 -0.49 8.00
CA PHE A 29 33.72 -0.81 6.59
C PHE A 29 35.01 -1.26 5.92
N THR A 30 36.10 -0.52 6.18
CA THR A 30 37.41 -0.82 5.55
C THR A 30 38.17 -1.99 6.12
N ASP A 31 37.65 -2.68 7.15
CA ASP A 31 38.19 -3.94 7.65
C ASP A 31 37.67 -5.23 7.09
N TYR A 32 36.71 -5.18 6.17
CA TYR A 32 36.18 -6.36 5.60
C TYR A 32 36.00 -6.15 4.12
N VAL A 33 36.09 -7.24 3.40
CA VAL A 33 35.77 -7.25 1.98
C VAL A 33 34.25 -7.28 1.79
N ILE A 34 33.80 -6.74 0.70
CA ILE A 34 32.38 -6.96 0.28
C ILE A 34 32.38 -7.91 -0.95
N SER A 35 31.71 -9.08 -0.79
CA SER A 35 31.54 -10.02 -1.85
C SER A 35 30.16 -9.89 -2.40
N TRP A 36 29.99 -10.17 -3.67
CA TRP A 36 28.72 -10.16 -4.39
C TRP A 36 28.43 -11.52 -4.99
N VAL A 37 27.20 -11.97 -4.79
CA VAL A 37 26.84 -13.38 -5.12
C VAL A 37 25.47 -13.36 -5.90
N LYS A 38 25.38 -14.11 -6.98
CA LYS A 38 24.21 -14.19 -7.85
C LYS A 38 23.41 -15.43 -7.56
N GLN A 39 22.07 -15.35 -7.63
CA GLN A 39 21.25 -16.55 -7.50
C GLN A 39 20.05 -16.42 -8.37
N ARG A 40 19.96 -17.24 -9.41
CA ARG A 40 18.79 -17.28 -10.26
CA ARG A 40 18.78 -17.30 -10.24
C ARG A 40 17.71 -18.05 -9.49
N THR A 41 16.47 -17.82 -9.91
CA THR A 41 15.35 -18.38 -9.23
C THR A 41 15.44 -19.87 -9.15
N GLY A 42 15.44 -20.40 -7.94
CA GLY A 42 15.51 -21.84 -7.70
C GLY A 42 16.86 -22.47 -7.94
N GLN A 43 17.91 -21.67 -8.16
N GLN A 43 17.92 -21.68 -8.10
CA GLN A 43 19.23 -22.23 -8.52
CA GLN A 43 19.23 -22.25 -8.45
C GLN A 43 20.23 -21.99 -7.40
C GLN A 43 20.24 -21.98 -7.36
N GLY A 44 21.51 -22.28 -7.63
CA GLY A 44 22.57 -22.21 -6.58
C GLY A 44 23.17 -20.83 -6.47
N LEU A 45 23.99 -20.64 -5.44
CA LEU A 45 24.75 -19.42 -5.25
C LEU A 45 25.93 -19.43 -6.28
N GLU A 46 26.18 -18.31 -6.90
CA GLU A 46 27.34 -18.17 -7.77
C GLU A 46 28.11 -16.89 -7.45
N TRP A 47 29.36 -17.05 -7.02
CA TRP A 47 30.16 -15.89 -6.59
C TRP A 47 30.54 -15.01 -7.79
N ILE A 48 30.36 -13.70 -7.67
CA ILE A 48 30.69 -12.74 -8.74
C ILE A 48 32.05 -12.11 -8.60
N GLY A 49 32.33 -11.57 -7.43
CA GLY A 49 33.52 -10.79 -7.28
C GLY A 49 33.54 -10.20 -5.88
N GLU A 50 34.62 -9.49 -5.62
CA GLU A 50 34.81 -8.87 -4.29
C GLU A 50 35.53 -7.52 -4.45
N ILE A 51 35.38 -6.60 -3.51
CA ILE A 51 36.16 -5.39 -3.40
C ILE A 51 36.66 -5.28 -1.95
N PHE A 52 37.92 -4.88 -1.89
CA PHE A 52 38.62 -4.51 -0.67
C PHE A 52 38.39 -2.98 -0.54
N PRO A 53 37.46 -2.50 0.33
CA PRO A 53 37.17 -1.07 0.28
C PRO A 53 38.28 -0.13 0.76
N ARG A 54 39.20 -0.59 1.60
CA ARG A 54 40.36 0.21 1.97
C ARG A 54 41.15 0.63 0.72
N SER A 55 41.52 -0.33 -0.14
CA SER A 55 42.36 -0.04 -1.30
C SER A 55 41.62 0.22 -2.62
N GLY A 56 40.37 -0.22 -2.74
CA GLY A 56 39.64 -0.21 -3.98
C GLY A 56 39.94 -1.45 -4.84
N SER A 57 40.81 -2.34 -4.36
CA SER A 57 41.19 -3.50 -5.19
C SER A 57 39.99 -4.49 -5.35
N THR A 58 39.85 -4.95 -6.55
CA THR A 58 38.76 -5.81 -6.96
C THR A 58 39.30 -7.11 -7.57
N TYR A 59 38.57 -8.18 -7.35
CA TYR A 59 38.82 -9.48 -8.00
C TYR A 59 37.48 -10.02 -8.44
N TYR A 60 37.45 -10.62 -9.62
CA TYR A 60 36.26 -11.13 -10.25
C TYR A 60 36.40 -12.61 -10.67
N ASN A 61 35.27 -13.25 -10.56
CA ASN A 61 35.04 -14.52 -11.19
C ASN A 61 35.13 -14.24 -12.70
N GLU A 62 36.06 -14.95 -13.37
CA GLU A 62 36.32 -14.62 -14.81
C GLU A 62 35.09 -14.62 -15.67
N LYS A 63 34.11 -15.44 -15.34
CA LYS A 63 32.87 -15.44 -16.07
C LYS A 63 32.14 -14.07 -16.06
N PHE A 64 32.41 -13.26 -15.05
CA PHE A 64 31.74 -11.98 -14.85
C PHE A 64 32.59 -10.79 -15.18
N LYS A 65 33.80 -11.07 -15.71
CA LYS A 65 34.75 -10.02 -15.95
C LYS A 65 34.19 -8.97 -16.89
N GLY A 66 33.61 -9.38 -18.02
CA GLY A 66 32.91 -8.34 -18.84
C GLY A 66 31.58 -7.75 -18.42
N LYS A 67 31.01 -8.25 -17.34
CA LYS A 67 29.62 -7.92 -16.96
C LYS A 67 29.52 -6.99 -15.78
N ALA A 68 30.26 -7.32 -14.75
CA ALA A 68 30.21 -6.60 -13.48
C ALA A 68 31.31 -5.57 -13.27
N THR A 69 30.97 -4.49 -12.61
CA THR A 69 31.96 -3.56 -12.13
C THR A 69 31.66 -3.27 -10.65
N LEU A 70 32.58 -3.54 -9.76
CA LEU A 70 32.49 -3.30 -8.33
C LEU A 70 33.24 -2.07 -7.91
N THR A 71 32.55 -1.24 -7.19
CA THR A 71 33.12 -0.01 -6.60
C THR A 71 32.69 0.15 -5.17
N ALA A 72 33.29 1.12 -4.50
CA ALA A 72 33.04 1.33 -3.04
C ALA A 72 33.29 2.77 -2.76
N ASP A 73 32.34 3.42 -2.06
CA ASP A 73 32.46 4.78 -1.57
C ASP A 73 32.72 4.73 -0.05
N LYS A 74 33.97 4.92 0.31
CA LYS A 74 34.39 4.87 1.73
C LYS A 74 33.75 5.87 2.64
N SER A 75 33.37 6.99 2.07
CA SER A 75 32.80 8.05 2.84
C SER A 75 31.36 7.79 3.24
N SER A 76 30.64 7.01 2.43
CA SER A 76 29.25 6.63 2.71
C SER A 76 29.09 5.17 3.17
N ASN A 77 30.20 4.45 3.33
CA ASN A 77 30.22 3.05 3.65
C ASN A 77 29.27 2.21 2.70
N THR A 78 29.29 2.51 1.39
CA THR A 78 28.43 1.89 0.36
C THR A 78 29.33 1.21 -0.70
N ALA A 79 29.04 -0.05 -0.98
CA ALA A 79 29.61 -0.80 -2.08
C ALA A 79 28.53 -0.85 -3.17
N TYR A 80 28.97 -0.81 -4.37
CA TYR A 80 28.13 -0.81 -5.50
C TYR A 80 28.55 -1.90 -6.48
N MET A 81 27.56 -2.48 -7.14
CA MET A 81 27.76 -3.40 -8.26
C MET A 81 27.02 -2.89 -9.46
N GLN A 82 27.71 -2.70 -10.54
CA GLN A 82 27.10 -2.35 -11.81
C GLN A 82 27.15 -3.54 -12.77
N LEU A 83 26.03 -3.80 -13.41
CA LEU A 83 25.97 -4.87 -14.40
C LEU A 83 25.76 -4.13 -15.73
N SER A 84 26.59 -4.45 -16.72
N SER A 84 26.61 -4.44 -16.70
CA SER A 84 26.50 -3.76 -18.00
CA SER A 84 26.56 -3.74 -17.99
C SER A 84 25.78 -4.60 -19.05
C SER A 84 25.74 -4.58 -19.00
N SER A 85 25.19 -3.93 -20.03
CA SER A 85 24.56 -4.57 -21.16
C SER A 85 23.65 -5.78 -20.83
N VAL A 86 22.66 -5.51 -19.99
CA VAL A 86 21.98 -6.62 -19.29
C VAL A 86 21.12 -7.46 -20.23
N THR A 87 21.06 -8.75 -19.99
CA THR A 87 20.18 -9.66 -20.75
C THR A 87 19.32 -10.47 -19.75
N SER A 88 18.46 -11.33 -20.28
CA SER A 88 17.61 -12.17 -19.43
C SER A 88 18.45 -13.16 -18.58
N GLU A 89 19.67 -13.44 -19.04
CA GLU A 89 20.60 -14.27 -18.29
C GLU A 89 21.01 -13.63 -16.98
N ASP A 90 20.91 -12.32 -16.92
CA ASP A 90 21.21 -11.54 -15.68
C ASP A 90 20.07 -11.39 -14.68
N SER A 91 18.86 -11.79 -15.07
CA SER A 91 17.71 -11.82 -14.16
C SER A 91 17.93 -12.75 -12.93
N ALA A 92 18.00 -12.20 -11.75
CA ALA A 92 18.40 -12.90 -10.54
C ALA A 92 18.33 -12.02 -9.32
N VAL A 93 18.57 -12.64 -8.19
CA VAL A 93 18.82 -11.99 -6.96
C VAL A 93 20.28 -11.89 -6.77
N TYR A 94 20.68 -10.70 -6.46
CA TYR A 94 22.11 -10.42 -6.12
C TYR A 94 22.24 -10.10 -4.65
N PHE A 95 23.06 -10.85 -3.98
CA PHE A 95 23.43 -10.54 -2.56
C PHE A 95 24.76 -9.85 -2.44
N CYS A 96 24.87 -8.93 -1.48
CA CYS A 96 26.15 -8.57 -1.01
C CYS A 96 26.36 -9.16 0.35
N ALA A 97 27.63 -9.33 0.72
CA ALA A 97 27.97 -10.02 1.94
C ALA A 97 29.26 -9.47 2.50
N ARG A 98 29.31 -9.34 3.82
CA ARG A 98 30.53 -8.97 4.50
C ARG A 98 31.39 -10.22 4.56
N ASP A 99 32.64 -10.11 4.16
CA ASP A 99 33.50 -11.20 3.87
C ASP A 99 34.81 -10.97 4.60
N TYR A 100 35.03 -11.81 5.62
CA TYR A 100 36.09 -11.59 6.65
C TYR A 100 37.45 -12.14 6.19
N TYR A 101 37.91 -11.61 5.05
CA TYR A 101 39.09 -12.10 4.41
C TYR A 101 40.27 -11.77 5.34
N GLY A 102 41.19 -12.70 5.44
CA GLY A 102 42.31 -12.60 6.40
C GLY A 102 42.03 -13.13 7.79
N THR A 103 40.76 -13.35 8.16
CA THR A 103 40.45 -13.98 9.46
C THR A 103 39.71 -15.34 9.30
N SER A 104 38.38 -15.29 9.24
CA SER A 104 37.55 -16.47 9.02
C SER A 104 37.60 -16.88 7.55
N PHE A 105 37.84 -15.91 6.67
CA PHE A 105 37.66 -16.05 5.24
C PHE A 105 36.27 -16.56 4.88
N ALA A 106 35.26 -16.10 5.63
CA ALA A 106 33.86 -16.47 5.49
C ALA A 106 32.97 -15.23 5.43
N MET A 107 31.78 -15.44 4.88
CA MET A 107 30.78 -14.38 4.72
C MET A 107 29.81 -14.48 5.86
N ASP A 108 30.06 -13.69 6.93
CA ASP A 108 29.35 -13.80 8.17
C ASP A 108 28.06 -13.01 8.28
N TYR A 109 27.92 -11.92 7.54
CA TYR A 109 26.65 -11.15 7.48
C TYR A 109 26.38 -10.85 6.00
N TRP A 110 25.12 -10.95 5.64
CA TRP A 110 24.61 -10.90 4.23
C TRP A 110 23.50 -9.84 4.11
N GLY A 111 23.45 -9.15 2.98
CA GLY A 111 22.30 -8.35 2.59
C GLY A 111 21.07 -9.25 2.39
N GLN A 112 19.93 -8.64 2.26
CA GLN A 112 18.66 -9.34 1.94
C GLN A 112 18.52 -9.62 0.41
N GLY A 113 19.41 -9.08 -0.41
CA GLY A 113 19.38 -9.36 -1.83
C GLY A 113 18.57 -8.34 -2.61
N THR A 114 19.03 -8.02 -3.80
CA THR A 114 18.33 -7.14 -4.71
C THR A 114 17.87 -8.02 -5.91
N SER A 115 16.57 -8.08 -6.15
CA SER A 115 15.99 -8.90 -7.27
C SER A 115 16.05 -8.04 -8.51
N VAL A 116 16.85 -8.45 -9.47
CA VAL A 116 16.88 -7.87 -10.79
C VAL A 116 16.12 -8.68 -11.81
N THR A 117 15.16 -8.04 -12.47
CA THR A 117 14.53 -8.66 -13.62
C THR A 117 14.83 -7.89 -14.86
N VAL A 118 15.33 -8.56 -15.93
CA VAL A 118 15.63 -7.93 -17.23
C VAL A 118 14.52 -8.34 -18.23
N SER A 119 13.73 -7.35 -18.65
CA SER A 119 12.54 -7.50 -19.48
C SER A 119 12.17 -6.13 -20.05
N SER A 120 11.53 -6.16 -21.19
CA SER A 120 10.91 -4.99 -21.76
C SER A 120 9.50 -4.73 -21.20
N ALA A 121 8.93 -5.67 -20.48
CA ALA A 121 7.56 -5.58 -19.98
C ALA A 121 7.39 -4.38 -19.06
N LYS A 122 6.15 -3.86 -18.95
CA LYS A 122 5.93 -2.75 -18.06
C LYS A 122 5.76 -3.27 -16.62
N THR A 123 5.85 -2.37 -15.64
CA THR A 123 5.52 -2.75 -14.26
C THR A 123 4.00 -2.84 -14.14
N THR A 124 3.47 -3.96 -13.62
CA THR A 124 2.04 -4.05 -13.41
C THR A 124 1.82 -4.45 -11.93
N PRO A 125 0.99 -3.72 -11.22
CA PRO A 125 0.73 -4.09 -9.82
C PRO A 125 -0.28 -5.24 -9.77
N PRO A 126 -0.28 -6.00 -8.70
CA PRO A 126 -1.28 -7.03 -8.61
C PRO A 126 -2.69 -6.53 -8.26
N SER A 127 -3.67 -7.26 -8.76
CA SER A 127 -5.02 -7.33 -8.22
C SER A 127 -5.08 -8.37 -7.12
N VAL A 128 -5.69 -8.00 -6.00
CA VAL A 128 -5.79 -8.92 -4.91
C VAL A 128 -7.24 -9.33 -4.68
N TYR A 129 -7.50 -10.62 -4.74
CA TYR A 129 -8.92 -11.08 -4.57
C TYR A 129 -9.09 -11.94 -3.32
N PRO A 130 -10.22 -11.74 -2.58
CA PRO A 130 -10.45 -12.54 -1.37
C PRO A 130 -10.92 -13.92 -1.77
N LEU A 131 -10.51 -14.93 -1.04
CA LEU A 131 -10.99 -16.30 -1.23
C LEU A 131 -11.81 -16.67 0.01
N ALA A 132 -13.11 -16.69 -0.17
CA ALA A 132 -14.05 -17.03 0.91
C ALA A 132 -14.93 -18.14 0.42
N PRO A 133 -15.32 -19.03 1.32
CA PRO A 133 -16.04 -20.22 0.86
C PRO A 133 -17.45 -19.92 0.46
N GLY A 134 -17.96 -20.70 -0.52
CA GLY A 134 -19.40 -20.71 -0.87
C GLY A 134 -20.31 -21.23 0.25
N SER A 135 -21.61 -20.96 0.13
CA SER A 135 -22.56 -21.23 1.24
C SER A 135 -22.36 -22.52 2.00
N ALA A 136 -22.04 -23.60 1.27
CA ALA A 136 -21.87 -24.91 1.91
C ALA A 136 -20.64 -24.93 2.84
N ALA A 137 -20.90 -24.85 4.15
CA ALA A 137 -19.83 -25.00 5.14
C ALA A 137 -19.25 -26.39 4.96
N GLN A 138 -17.92 -26.47 4.81
CA GLN A 138 -17.25 -27.75 4.53
C GLN A 138 -16.23 -28.13 5.62
N THR A 139 -16.53 -29.22 6.34
CA THR A 139 -15.65 -29.77 7.39
C THR A 139 -15.39 -28.76 8.48
N ASN A 140 -16.45 -28.28 9.13
CA ASN A 140 -16.41 -27.03 9.88
C ASN A 140 -15.92 -27.05 11.33
N SER A 141 -14.70 -27.51 11.57
CA SER A 141 -13.97 -27.27 12.85
C SER A 141 -12.97 -26.12 12.67
N MET A 142 -12.16 -26.25 11.62
CA MET A 142 -11.33 -25.20 11.05
C MET A 142 -11.94 -24.68 9.73
N VAL A 143 -11.62 -23.45 9.33
CA VAL A 143 -12.08 -22.85 8.03
C VAL A 143 -10.88 -22.33 7.29
N THR A 144 -10.81 -22.63 6.00
CA THR A 144 -9.69 -22.19 5.23
C THR A 144 -10.15 -21.00 4.41
N LEU A 145 -9.36 -19.93 4.45
CA LEU A 145 -9.57 -18.73 3.63
C LEU A 145 -8.29 -18.44 2.85
N GLY A 146 -8.39 -17.52 1.89
CA GLY A 146 -7.19 -17.16 1.13
C GLY A 146 -7.22 -15.87 0.40
N CYS A 147 -6.09 -15.59 -0.22
CA CYS A 147 -5.95 -14.43 -1.10
CA CYS A 147 -6.11 -14.52 -1.19
C CYS A 147 -5.36 -14.86 -2.43
N LEU A 148 -5.99 -14.45 -3.54
CA LEU A 148 -5.47 -14.67 -4.86
C LEU A 148 -4.82 -13.35 -5.35
N VAL A 149 -3.54 -13.40 -5.72
CA VAL A 149 -2.79 -12.22 -6.06
C VAL A 149 -2.43 -12.43 -7.53
N LYS A 150 -3.12 -11.75 -8.39
CA LYS A 150 -3.13 -12.06 -9.78
C LYS A 150 -2.60 -10.92 -10.65
N GLY A 151 -1.93 -11.29 -11.73
CA GLY A 151 -1.68 -10.34 -12.78
C GLY A 151 -0.64 -9.23 -12.62
N TYR A 152 0.47 -9.54 -11.97
CA TYR A 152 1.47 -8.55 -11.65
C TYR A 152 2.77 -8.90 -12.37
N PHE A 153 3.67 -7.93 -12.40
CA PHE A 153 5.02 -8.09 -12.92
C PHE A 153 5.87 -6.92 -12.52
N PRO A 154 7.16 -7.10 -12.20
CA PRO A 154 7.91 -8.33 -12.01
C PRO A 154 7.73 -8.91 -10.60
N GLU A 155 8.31 -10.07 -10.36
CA GLU A 155 8.53 -10.57 -8.95
C GLU A 155 9.37 -9.54 -8.18
N PRO A 156 9.32 -9.53 -6.86
CA PRO A 156 8.54 -10.46 -6.08
C PRO A 156 7.32 -9.78 -5.53
N VAL A 157 6.42 -10.59 -4.96
CA VAL A 157 5.41 -10.08 -4.00
C VAL A 157 5.55 -10.78 -2.70
N THR A 158 5.31 -10.08 -1.58
CA THR A 158 5.15 -10.77 -0.34
C THR A 158 3.76 -10.68 0.26
N VAL A 159 3.38 -11.69 1.03
CA VAL A 159 2.07 -11.76 1.62
C VAL A 159 2.26 -12.05 3.12
N THR A 160 1.51 -11.35 3.95
CA THR A 160 1.28 -11.68 5.37
C THR A 160 -0.20 -11.63 5.62
N TRP A 161 -0.60 -12.10 6.79
CA TRP A 161 -1.96 -12.13 7.28
C TRP A 161 -2.05 -11.36 8.61
N ASN A 162 -3.00 -10.45 8.74
CA ASN A 162 -3.14 -9.56 9.93
C ASN A 162 -1.80 -8.91 10.38
N SER A 163 -1.12 -8.34 9.38
CA SER A 163 0.20 -7.76 9.48
C SER A 163 1.23 -8.66 10.08
N GLY A 164 1.12 -9.95 9.84
CA GLY A 164 2.04 -10.88 10.41
C GLY A 164 1.63 -11.41 11.77
N SER A 165 0.56 -10.90 12.38
CA SER A 165 0.18 -11.42 13.70
C SER A 165 -0.61 -12.74 13.54
N LEU A 166 -1.05 -13.02 12.31
CA LEU A 166 -1.67 -14.32 11.95
C LEU A 166 -0.62 -15.13 11.24
N SER A 167 -0.02 -16.07 11.97
CA SER A 167 1.20 -16.77 11.53
C SER A 167 1.01 -18.26 11.18
N SER A 168 0.46 -19.00 12.11
CA SER A 168 0.36 -20.45 11.92
C SER A 168 -0.83 -20.77 11.02
N GLY A 169 -0.73 -21.89 10.32
CA GLY A 169 -1.77 -22.27 9.35
C GLY A 169 -1.67 -21.55 8.01
N VAL A 170 -0.58 -20.82 7.79
CA VAL A 170 -0.45 -20.08 6.55
C VAL A 170 0.31 -20.90 5.53
N HIS A 171 -0.12 -20.87 4.28
CA HIS A 171 0.63 -21.43 3.17
C HIS A 171 0.67 -20.41 2.05
N THR A 172 1.88 -19.95 1.68
CA THR A 172 2.06 -19.01 0.55
C THR A 172 2.77 -19.70 -0.62
N PHE A 173 2.10 -19.77 -1.75
CA PHE A 173 2.54 -20.55 -2.90
C PHE A 173 3.46 -19.73 -3.79
N PRO A 174 4.48 -20.38 -4.32
CA PRO A 174 5.26 -19.76 -5.37
C PRO A 174 4.48 -19.26 -6.57
N ALA A 175 4.95 -18.13 -7.08
CA ALA A 175 4.39 -17.51 -8.25
C ALA A 175 4.62 -18.29 -9.50
N VAL A 176 3.64 -18.25 -10.38
CA VAL A 176 3.78 -18.85 -11.70
C VAL A 176 3.58 -17.77 -12.76
N LEU A 177 4.49 -17.75 -13.73
CA LEU A 177 4.34 -16.87 -14.86
C LEU A 177 3.50 -17.47 -15.94
N GLN A 178 2.54 -16.70 -16.42
CA GLN A 178 1.62 -17.04 -17.53
C GLN A 178 1.17 -15.85 -18.31
N SER A 179 1.32 -15.98 -19.65
CA SER A 179 1.13 -14.89 -20.58
C SER A 179 1.62 -13.53 -20.02
N ASP A 180 2.91 -13.51 -19.68
CA ASP A 180 3.71 -12.35 -19.33
C ASP A 180 3.36 -11.69 -17.93
N LEU A 181 2.53 -12.37 -17.11
CA LEU A 181 2.11 -11.88 -15.79
C LEU A 181 2.19 -12.99 -14.76
N TYR A 182 2.57 -12.62 -13.53
CA TYR A 182 2.60 -13.62 -12.47
C TYR A 182 1.28 -13.72 -11.73
N THR A 183 1.02 -14.90 -11.17
CA THR A 183 -0.11 -15.11 -10.15
C THR A 183 0.41 -15.95 -9.01
N LEU A 184 -0.01 -15.64 -7.80
CA LEU A 184 0.27 -16.47 -6.66
C LEU A 184 -0.96 -16.46 -5.79
N SER A 185 -0.97 -17.39 -4.85
CA SER A 185 -2.09 -17.44 -3.86
C SER A 185 -1.49 -17.69 -2.45
N SER A 186 -2.28 -17.38 -1.44
CA SER A 186 -1.88 -17.68 -0.03
C SER A 186 -3.15 -18.16 0.68
N SER A 187 -3.05 -19.20 1.56
CA SER A 187 -4.14 -19.70 2.38
C SER A 187 -3.82 -19.49 3.84
N VAL A 188 -4.89 -19.42 4.64
CA VAL A 188 -4.80 -19.39 6.04
C VAL A 188 -5.97 -20.21 6.57
N THR A 189 -5.74 -20.90 7.65
CA THR A 189 -6.72 -21.80 8.21
C THR A 189 -6.96 -21.40 9.66
N VAL A 190 -8.19 -21.03 10.01
CA VAL A 190 -8.50 -20.63 11.41
C VAL A 190 -9.70 -21.38 12.03
N PRO A 191 -9.86 -21.37 13.37
CA PRO A 191 -11.09 -21.99 13.92
C PRO A 191 -12.36 -21.33 13.42
N SER A 192 -13.36 -22.14 13.07
CA SER A 192 -14.58 -21.65 12.45
C SER A 192 -15.31 -20.68 13.32
N SER A 193 -15.14 -20.85 14.63
CA SER A 193 -15.73 -19.94 15.61
C SER A 193 -15.12 -18.52 15.66
N THR A 194 -13.93 -18.35 15.10
CA THR A 194 -13.22 -17.08 15.14
C THR A 194 -13.43 -16.23 13.89
N TRP A 195 -14.05 -16.78 12.85
CA TRP A 195 -14.24 -16.09 11.58
C TRP A 195 -15.61 -16.49 11.11
N PRO A 196 -16.49 -15.55 10.76
CA PRO A 196 -16.20 -14.12 10.50
C PRO A 196 -16.08 -13.18 11.69
N SER A 197 -16.16 -13.68 12.93
CA SER A 197 -16.28 -12.82 14.14
C SER A 197 -15.03 -11.96 14.36
N GLU A 198 -13.85 -12.53 14.14
CA GLU A 198 -12.59 -11.82 14.29
C GLU A 198 -11.96 -11.70 12.91
N THR A 199 -11.50 -10.50 12.56
CA THR A 199 -11.13 -10.23 11.17
C THR A 199 -9.86 -10.94 10.69
N VAL A 200 -9.87 -11.25 9.39
CA VAL A 200 -8.74 -11.92 8.73
C VAL A 200 -8.49 -11.06 7.45
N THR A 201 -7.27 -10.52 7.31
CA THR A 201 -6.83 -9.65 6.22
C THR A 201 -5.49 -10.14 5.67
N CYS A 202 -5.37 -10.26 4.36
N CYS A 202 -5.38 -10.22 4.34
CA CYS A 202 -4.07 -10.49 3.79
CA CYS A 202 -4.12 -10.56 3.72
C CYS A 202 -3.46 -9.16 3.45
C CYS A 202 -3.44 -9.24 3.27
N ASN A 203 -2.17 -9.08 3.60
CA ASN A 203 -1.43 -7.85 3.33
C ASN A 203 -0.38 -8.22 2.22
N VAL A 204 -0.57 -7.62 1.09
CA VAL A 204 0.18 -7.90 -0.09
C VAL A 204 1.10 -6.71 -0.36
N ALA A 205 2.40 -6.97 -0.51
CA ALA A 205 3.36 -5.95 -1.02
C ALA A 205 3.92 -6.30 -2.39
N HIS A 206 3.97 -5.32 -3.28
CA HIS A 206 4.61 -5.45 -4.55
C HIS A 206 5.66 -4.34 -4.74
N PRO A 207 6.93 -4.61 -4.31
CA PRO A 207 7.86 -3.48 -4.17
C PRO A 207 8.22 -2.82 -5.49
N ALA A 208 8.21 -3.55 -6.62
CA ALA A 208 8.55 -2.94 -7.90
C ALA A 208 7.60 -1.85 -8.29
N SER A 209 6.35 -1.95 -7.87
CA SER A 209 5.35 -0.88 -8.15
C SER A 209 5.13 0.05 -6.92
N SER A 210 5.84 -0.22 -5.84
CA SER A 210 5.74 0.45 -4.54
C SER A 210 4.33 0.41 -4.01
N THR A 211 3.64 -0.69 -4.28
CA THR A 211 2.25 -0.85 -3.92
C THR A 211 2.08 -1.78 -2.73
N LYS A 212 1.15 -1.43 -1.83
CA LYS A 212 0.70 -2.32 -0.75
C LYS A 212 -0.80 -2.38 -0.71
N VAL A 213 -1.36 -3.57 -0.55
CA VAL A 213 -2.80 -3.74 -0.57
C VAL A 213 -3.16 -4.66 0.53
N ASP A 214 -4.17 -4.24 1.31
CA ASP A 214 -4.81 -5.14 2.27
C ASP A 214 -6.20 -5.61 1.81
N LYS A 215 -6.47 -6.89 1.94
CA LYS A 215 -7.75 -7.39 1.52
C LYS A 215 -8.34 -8.15 2.70
N LYS A 216 -9.41 -7.58 3.24
CA LYS A 216 -10.12 -8.23 4.31
C LYS A 216 -10.97 -9.35 3.74
N ILE A 217 -10.96 -10.50 4.37
CA ILE A 217 -11.74 -11.61 3.92
C ILE A 217 -13.12 -11.67 4.62
N VAL A 218 -14.17 -11.54 3.86
CA VAL A 218 -15.54 -11.40 4.43
C VAL A 218 -16.43 -12.43 3.80
N PRO A 219 -17.45 -12.88 4.53
CA PRO A 219 -18.21 -13.99 4.02
C PRO A 219 -19.05 -13.55 2.81
N ARG A 220 -19.28 -14.45 1.87
CA ARG A 220 -20.18 -14.22 0.72
C ARG A 220 -21.65 -14.39 1.12
N ASP A 221 -22.56 -14.06 0.21
CA ASP A 221 -23.97 -14.54 0.27
C ASP A 221 -24.50 -14.95 -1.13
N ASP B 1 42.02 -21.34 -11.34
CA ASP B 1 40.75 -21.15 -10.56
C ASP B 1 40.34 -22.47 -9.95
N ILE B 2 39.49 -22.43 -8.94
CA ILE B 2 39.13 -23.61 -8.19
C ILE B 2 37.69 -23.98 -8.45
N VAL B 3 37.49 -25.27 -8.64
CA VAL B 3 36.19 -25.90 -8.95
C VAL B 3 35.73 -26.80 -7.78
N MET B 4 34.45 -26.68 -7.41
CA MET B 4 33.89 -27.26 -6.20
C MET B 4 32.70 -28.15 -6.59
N SER B 5 32.59 -29.34 -5.98
CA SER B 5 31.58 -30.36 -6.27
C SER B 5 30.98 -30.81 -4.98
N GLN B 6 29.69 -30.92 -4.95
CA GLN B 6 28.99 -31.39 -3.76
C GLN B 6 28.15 -32.61 -4.13
N SER B 7 27.97 -33.48 -3.15
CA SER B 7 27.16 -34.67 -3.35
C SER B 7 26.65 -35.09 -2.02
N PRO B 8 25.47 -35.66 -1.98
CA PRO B 8 24.59 -35.89 -3.16
C PRO B 8 23.88 -34.57 -3.48
N SER B 9 23.02 -34.50 -4.51
CA SER B 9 22.31 -33.27 -4.79
C SER B 9 21.17 -33.09 -3.83
N SER B 10 20.58 -34.20 -3.39
CA SER B 10 19.61 -34.14 -2.32
C SER B 10 19.59 -35.40 -1.56
N LEU B 11 18.94 -35.35 -0.42
CA LEU B 11 18.77 -36.50 0.41
C LEU B 11 17.66 -36.29 1.40
N ALA B 12 17.13 -37.42 1.84
CA ALA B 12 15.97 -37.36 2.71
C ALA B 12 16.29 -38.19 3.96
N VAL B 13 16.04 -37.58 5.11
CA VAL B 13 16.09 -38.28 6.38
C VAL B 13 14.89 -37.93 7.27
N SER B 14 14.61 -38.81 8.21
CA SER B 14 13.59 -38.62 9.21
C SER B 14 14.16 -37.77 10.31
N ALA B 15 13.28 -37.05 11.02
CA ALA B 15 13.69 -36.26 12.18
C ALA B 15 14.50 -37.14 13.15
N GLY B 16 15.58 -36.60 13.73
CA GLY B 16 16.37 -37.30 14.71
C GLY B 16 17.49 -38.18 14.16
N GLU B 17 17.48 -38.46 12.87
CA GLU B 17 18.57 -39.18 12.22
C GLU B 17 19.78 -38.26 11.97
N LYS B 18 20.88 -38.91 11.62
CA LYS B 18 22.10 -38.18 11.25
C LYS B 18 22.25 -38.07 9.72
N VAL B 19 22.80 -36.97 9.25
CA VAL B 19 23.05 -36.87 7.82
C VAL B 19 24.48 -36.32 7.61
N THR B 20 25.15 -36.84 6.60
CA THR B 20 26.46 -36.30 6.20
C THR B 20 26.45 -36.03 4.72
N MET B 21 27.02 -34.91 4.35
CA MET B 21 27.06 -34.49 2.95
C MET B 21 28.46 -34.11 2.67
N SER B 22 28.80 -34.19 1.38
CA SER B 22 30.21 -34.24 0.90
C SER B 22 30.56 -33.12 -0.07
N CYS B 23 31.79 -32.62 0.02
CA CYS B 23 32.29 -31.55 -0.85
C CYS B 23 33.70 -31.84 -1.37
N LYS B 24 33.93 -31.62 -2.66
CA LYS B 24 35.27 -31.84 -3.24
C LYS B 24 35.77 -30.58 -3.97
N SER B 25 37.07 -30.31 -3.86
CA SER B 25 37.71 -29.19 -4.54
C SER B 25 38.72 -29.74 -5.58
N SER B 26 38.86 -28.98 -6.66
CA SER B 26 39.73 -29.32 -7.74
C SER B 26 41.21 -29.11 -7.38
N GLN B 27 41.49 -28.38 -6.27
CA GLN B 27 42.89 -28.04 -5.87
C GLN B 27 42.85 -28.05 -4.39
N SER B 28 43.96 -28.36 -3.72
CA SER B 28 43.91 -28.32 -2.25
C SER B 28 43.65 -26.96 -1.71
N LEU B 29 42.86 -26.89 -0.65
CA LEU B 29 42.54 -25.69 0.06
C LEU B 29 43.32 -25.59 1.34
N LEU B 30 44.30 -26.45 1.54
CA LEU B 30 45.13 -26.34 2.71
C LEU B 30 46.24 -25.29 2.57
N ASN B 31 46.28 -24.33 3.50
CA ASN B 31 47.25 -23.23 3.38
C ASN B 31 48.64 -23.62 3.89
N SER B 32 49.68 -23.15 3.19
CA SER B 32 51.09 -23.41 3.51
C SER B 32 51.49 -23.01 4.93
N ARG B 33 51.66 -21.70 5.16
CA ARG B 33 52.06 -21.16 6.47
C ARG B 33 51.08 -21.60 7.56
N THR B 34 49.79 -21.45 7.26
CA THR B 34 48.69 -21.88 8.16
C THR B 34 48.59 -23.42 8.27
N ARG B 35 47.70 -23.86 9.15
CA ARG B 35 47.30 -25.25 9.21
C ARG B 35 45.82 -25.35 8.90
N LYS B 36 45.24 -24.31 8.29
CA LYS B 36 43.80 -24.23 8.02
C LYS B 36 43.40 -24.55 6.59
N ASN B 37 42.20 -25.06 6.45
CA ASN B 37 41.63 -25.27 5.14
C ASN B 37 40.60 -24.18 4.96
N TYR B 38 40.64 -23.51 3.83
CA TYR B 38 39.76 -22.33 3.62
C TYR B 38 38.47 -22.74 2.98
N LEU B 39 37.61 -23.32 3.79
CA LEU B 39 36.45 -24.01 3.30
C LEU B 39 35.37 -23.74 4.33
N ALA B 40 34.22 -23.28 3.85
CA ALA B 40 33.13 -22.82 4.72
C ALA B 40 31.85 -23.52 4.25
N TRP B 41 30.87 -23.64 5.17
CA TRP B 41 29.58 -24.27 4.88
C TRP B 41 28.50 -23.29 5.24
N TYR B 42 27.48 -23.20 4.37
CA TYR B 42 26.38 -22.26 4.48
C TYR B 42 25.05 -23.00 4.40
N GLN B 43 24.05 -22.48 5.09
CA GLN B 43 22.66 -22.97 5.10
C GLN B 43 21.78 -21.91 4.52
N GLN B 44 21.01 -22.29 3.52
CA GLN B 44 20.09 -21.35 2.92
C GLN B 44 18.66 -21.98 2.98
N LYS B 45 17.83 -21.43 3.85
CA LYS B 45 16.40 -21.72 3.90
C LYS B 45 15.57 -20.96 2.86
N PRO B 46 14.44 -21.54 2.44
CA PRO B 46 13.61 -20.86 1.43
C PRO B 46 13.26 -19.39 1.71
N GLY B 47 13.52 -18.50 0.75
CA GLY B 47 13.20 -17.08 0.94
C GLY B 47 14.09 -16.28 1.88
N GLN B 48 15.22 -16.85 2.33
CA GLN B 48 16.18 -16.23 3.22
C GLN B 48 17.57 -16.13 2.57
N SER B 49 18.39 -15.20 3.07
CA SER B 49 19.80 -15.11 2.70
C SER B 49 20.54 -16.30 3.26
N PRO B 50 21.65 -16.74 2.60
CA PRO B 50 22.50 -17.75 3.27
C PRO B 50 22.99 -17.36 4.67
N LYS B 51 23.24 -18.37 5.49
CA LYS B 51 23.68 -18.23 6.85
C LYS B 51 24.98 -19.08 7.02
N LEU B 52 26.03 -18.45 7.55
CA LEU B 52 27.28 -19.12 7.86
C LEU B 52 27.13 -20.10 9.00
N LEU B 53 27.60 -21.30 8.74
CA LEU B 53 27.58 -22.39 9.75
C LEU B 53 28.98 -22.71 10.22
N ILE B 54 29.87 -23.02 9.29
CA ILE B 54 31.24 -23.43 9.66
C ILE B 54 32.30 -22.74 8.77
N TYR B 55 33.45 -22.39 9.35
CA TYR B 55 34.58 -21.93 8.57
C TYR B 55 35.87 -22.64 9.03
N TRP B 56 36.95 -22.39 8.31
CA TRP B 56 38.14 -23.25 8.47
C TRP B 56 37.86 -24.75 8.45
N ALA B 57 36.93 -25.17 7.59
CA ALA B 57 36.43 -26.59 7.52
C ALA B 57 35.68 -27.12 8.75
N SER B 58 36.14 -26.76 9.92
CA SER B 58 35.65 -27.33 11.18
C SER B 58 35.38 -26.40 12.34
N THR B 59 35.57 -25.10 12.20
CA THR B 59 35.17 -24.25 13.30
C THR B 59 33.73 -23.82 13.16
N ARG B 60 32.96 -23.98 14.24
CA ARG B 60 31.58 -23.56 14.22
C ARG B 60 31.47 -22.06 14.41
N GLU B 61 30.58 -21.43 13.66
CA GLU B 61 30.32 -20.00 13.82
C GLU B 61 29.51 -19.81 15.12
N SER B 62 29.70 -18.69 15.78
CA SER B 62 28.96 -18.41 17.02
C SER B 62 27.43 -18.40 16.79
N GLY B 63 26.69 -18.98 17.71
CA GLY B 63 25.22 -19.12 17.54
C GLY B 63 24.76 -20.40 16.82
N VAL B 64 25.65 -21.03 16.05
CA VAL B 64 25.31 -22.25 15.32
C VAL B 64 25.15 -23.38 16.31
N PRO B 65 23.94 -24.00 16.39
CA PRO B 65 23.80 -25.18 17.27
C PRO B 65 24.84 -26.25 17.04
N ASP B 66 25.20 -26.95 18.11
CA ASP B 66 26.31 -27.91 18.04
C ASP B 66 25.98 -29.21 17.30
N ARG B 67 24.75 -29.39 16.86
CA ARG B 67 24.50 -30.52 15.94
C ARG B 67 25.18 -30.42 14.58
N PHE B 68 25.65 -29.24 14.17
CA PHE B 68 26.37 -29.12 12.88
C PHE B 68 27.87 -29.29 13.10
N THR B 69 28.52 -30.26 12.44
CA THR B 69 29.99 -30.45 12.43
C THR B 69 30.59 -30.52 11.03
N GLY B 70 31.72 -29.86 10.87
CA GLY B 70 32.48 -29.94 9.62
C GLY B 70 33.78 -30.70 9.79
N SER B 71 34.24 -31.36 8.75
N SER B 71 34.25 -31.35 8.75
CA SER B 71 35.50 -32.14 8.77
CA SER B 71 35.54 -32.09 8.78
C SER B 71 36.13 -32.21 7.41
C SER B 71 36.13 -32.23 7.41
N GLY B 72 37.35 -32.74 7.37
CA GLY B 72 38.05 -32.96 6.13
C GLY B 72 39.21 -32.00 5.97
N SER B 73 39.90 -32.18 4.85
CA SER B 73 41.16 -31.53 4.60
C SER B 73 41.61 -31.72 3.16
N GLY B 74 42.45 -30.82 2.70
CA GLY B 74 42.97 -30.82 1.33
C GLY B 74 41.89 -30.57 0.27
N THR B 75 41.42 -31.65 -0.36
CA THR B 75 40.41 -31.59 -1.42
C THR B 75 39.09 -32.28 -1.03
N ASP B 76 38.96 -32.76 0.19
CA ASP B 76 37.78 -33.59 0.57
C ASP B 76 37.25 -33.19 1.89
N PHE B 77 35.97 -32.78 1.90
CA PHE B 77 35.30 -32.24 3.05
C PHE B 77 33.89 -32.76 3.28
N THR B 78 33.42 -32.61 4.52
CA THR B 78 32.16 -33.21 5.00
CA THR B 78 32.14 -33.19 4.99
C THR B 78 31.46 -32.21 5.94
N LEU B 79 30.13 -32.18 5.88
CA LEU B 79 29.32 -31.51 6.82
C LEU B 79 28.34 -32.58 7.38
N THR B 80 28.21 -32.60 8.69
CA THR B 80 27.41 -33.59 9.36
C THR B 80 26.41 -32.90 10.23
N ILE B 81 25.15 -33.34 10.13
CA ILE B 81 24.11 -32.87 11.07
C ILE B 81 23.70 -34.10 11.90
N SER B 82 23.99 -34.09 13.21
CA SER B 82 23.51 -35.13 14.13
C SER B 82 22.09 -34.73 14.53
N SER B 83 21.21 -35.71 14.53
CA SER B 83 19.87 -35.48 14.92
C SER B 83 19.23 -34.29 14.16
N VAL B 84 18.93 -34.53 12.89
CA VAL B 84 18.17 -33.56 12.08
C VAL B 84 16.84 -33.12 12.73
N GLN B 85 16.54 -31.84 12.60
CA GLN B 85 15.27 -31.28 13.01
C GLN B 85 14.58 -30.82 11.76
N ALA B 86 13.25 -30.77 11.79
CA ALA B 86 12.52 -30.27 10.63
C ALA B 86 12.87 -28.81 10.31
N GLU B 87 13.32 -28.03 11.30
CA GLU B 87 13.80 -26.68 11.02
C GLU B 87 15.11 -26.67 10.20
N ASP B 88 15.79 -27.81 10.04
CA ASP B 88 17.00 -27.90 9.17
C ASP B 88 16.71 -28.00 7.66
N LEU B 89 15.44 -27.99 7.27
CA LEU B 89 15.06 -27.91 5.86
C LEU B 89 15.71 -26.72 5.18
N ALA B 90 16.56 -26.98 4.18
CA ALA B 90 17.41 -25.96 3.56
C ALA B 90 18.24 -26.59 2.47
N VAL B 91 18.85 -25.74 1.64
CA VAL B 91 20.00 -26.11 0.79
C VAL B 91 21.29 -25.78 1.52
N TYR B 92 22.26 -26.72 1.50
CA TYR B 92 23.57 -26.57 2.15
C TYR B 92 24.67 -26.42 1.08
N TYR B 93 25.45 -25.35 1.18
CA TYR B 93 26.56 -25.10 0.23
C TYR B 93 27.90 -25.10 0.90
N CYS B 94 28.90 -25.72 0.31
CA CYS B 94 30.28 -25.47 0.68
C CYS B 94 30.85 -24.41 -0.20
N LYS B 95 31.94 -23.83 0.26
CA LYS B 95 32.57 -22.70 -0.44
C LYS B 95 34.03 -22.53 -0.08
N GLN B 96 34.83 -22.49 -1.10
CA GLN B 96 36.27 -22.32 -0.91
C GLN B 96 36.61 -20.84 -0.91
N SER B 97 37.55 -20.42 -0.06
N SER B 97 37.60 -20.47 -0.09
CA SER B 97 38.16 -19.08 -0.17
CA SER B 97 38.13 -19.11 -0.07
C SER B 97 39.69 -19.12 -0.17
C SER B 97 39.69 -19.16 -0.09
N PHE B 98 40.24 -20.17 -0.79
CA PHE B 98 41.69 -20.30 -0.92
C PHE B 98 42.18 -19.24 -1.91
N TYR B 99 41.44 -19.08 -2.99
CA TYR B 99 41.75 -18.06 -4.03
C TYR B 99 40.41 -17.76 -4.61
N LEU B 100 40.03 -16.47 -4.52
CA LEU B 100 38.69 -16.01 -4.87
C LEU B 100 37.70 -16.81 -4.03
N ARG B 101 36.47 -16.99 -4.51
CA ARG B 101 35.51 -17.80 -3.81
C ARG B 101 34.85 -18.69 -4.83
N THR B 102 34.50 -19.90 -4.41
CA THR B 102 33.71 -20.77 -5.24
C THR B 102 32.72 -21.56 -4.43
N PHE B 103 31.44 -21.37 -4.67
CA PHE B 103 30.38 -22.26 -4.09
C PHE B 103 30.21 -23.54 -4.83
N GLY B 104 30.07 -24.61 -4.06
CA GLY B 104 29.55 -25.89 -4.54
C GLY B 104 28.09 -25.75 -5.01
N GLY B 105 27.58 -26.78 -5.66
CA GLY B 105 26.22 -26.78 -6.27
C GLY B 105 25.08 -26.88 -5.25
N GLY B 106 25.38 -27.19 -3.98
CA GLY B 106 24.44 -27.35 -2.92
C GLY B 106 23.90 -28.81 -2.81
N THR B 107 23.60 -29.14 -1.57
CA THR B 107 22.85 -30.34 -1.24
C THR B 107 21.52 -29.92 -0.58
N LYS B 108 20.43 -30.34 -1.18
CA LYS B 108 19.11 -30.10 -0.68
C LYS B 108 18.77 -31.20 0.38
N LEU B 109 18.43 -30.77 1.56
CA LEU B 109 17.97 -31.67 2.61
C LEU B 109 16.42 -31.67 2.74
N ASP B 110 15.84 -32.85 2.63
CA ASP B 110 14.41 -33.11 2.69
C ASP B 110 14.15 -33.97 3.94
N ILE B 111 12.95 -33.82 4.51
CA ILE B 111 12.55 -34.57 5.69
C ILE B 111 11.55 -35.68 5.31
N LYS B 112 11.77 -36.87 5.85
CA LYS B 112 10.81 -37.98 5.70
C LYS B 112 9.91 -38.05 6.92
N ARG B 113 8.64 -38.35 6.71
CA ARG B 113 7.64 -38.36 7.75
C ARG B 113 6.50 -39.29 7.37
N ALA B 114 5.50 -39.37 8.25
CA ALA B 114 4.35 -40.31 8.02
C ALA B 114 3.47 -39.76 6.92
N ASP B 115 2.83 -40.62 6.11
CA ASP B 115 1.91 -40.16 5.09
C ASP B 115 0.76 -39.36 5.74
N ALA B 116 0.31 -38.31 5.04
CA ALA B 116 -0.82 -37.56 5.49
C ALA B 116 -1.66 -37.14 4.27
N ALA B 117 -2.98 -37.23 4.42
CA ALA B 117 -3.91 -36.86 3.37
C ALA B 117 -4.03 -35.34 3.32
N PRO B 118 -4.33 -34.84 2.12
CA PRO B 118 -4.57 -33.41 1.96
C PRO B 118 -5.90 -33.02 2.57
N THR B 119 -5.95 -31.80 3.08
CA THR B 119 -7.16 -31.08 3.34
C THR B 119 -7.46 -30.20 2.13
N VAL B 120 -8.64 -30.42 1.57
CA VAL B 120 -9.00 -29.86 0.24
C VAL B 120 -10.07 -28.77 0.39
N SER B 121 -9.81 -27.59 -0.15
CA SER B 121 -10.80 -26.49 -0.09
C SER B 121 -10.96 -25.84 -1.44
N ILE B 122 -12.19 -25.59 -1.81
CA ILE B 122 -12.50 -24.93 -3.09
C ILE B 122 -13.12 -23.56 -2.85
N PHE B 123 -12.85 -22.61 -3.77
CA PHE B 123 -13.25 -21.27 -3.64
C PHE B 123 -13.71 -20.70 -4.97
N PRO B 124 -14.87 -20.07 -5.00
CA PRO B 124 -15.35 -19.46 -6.22
C PRO B 124 -14.65 -18.13 -6.49
N PRO B 125 -14.75 -17.62 -7.71
CA PRO B 125 -14.32 -16.24 -8.02
C PRO B 125 -15.00 -15.25 -7.11
N SER B 126 -14.24 -14.23 -6.74
CA SER B 126 -14.72 -13.12 -5.98
C SER B 126 -15.53 -12.19 -6.86
N SER B 127 -16.43 -11.46 -6.26
CA SER B 127 -17.21 -10.54 -7.08
C SER B 127 -16.26 -9.46 -7.60
N GLU B 128 -15.20 -9.14 -6.85
CA GLU B 128 -14.19 -8.19 -7.34
C GLU B 128 -13.61 -8.65 -8.66
N GLN B 129 -13.21 -9.91 -8.70
CA GLN B 129 -12.62 -10.45 -9.93
C GLN B 129 -13.60 -10.38 -11.08
N LEU B 130 -14.82 -10.82 -10.83
CA LEU B 130 -15.85 -10.87 -11.89
C LEU B 130 -16.19 -9.56 -12.60
N THR B 131 -16.12 -8.45 -11.90
CA THR B 131 -16.25 -7.12 -12.50
C THR B 131 -15.06 -6.82 -13.45
N SER B 132 -13.94 -7.50 -13.27
CA SER B 132 -12.78 -7.47 -14.22
C SER B 132 -12.97 -8.18 -15.57
N GLY B 133 -14.03 -8.99 -15.73
CA GLY B 133 -14.21 -9.80 -16.90
C GLY B 133 -13.55 -11.18 -16.89
N GLY B 134 -12.83 -11.52 -15.81
CA GLY B 134 -12.19 -12.83 -15.70
C GLY B 134 -12.65 -13.55 -14.43
N ALA B 135 -12.31 -14.83 -14.30
CA ALA B 135 -12.89 -15.66 -13.22
C ALA B 135 -12.02 -16.87 -12.87
N SER B 136 -11.36 -16.78 -11.72
CA SER B 136 -10.52 -17.84 -11.21
C SER B 136 -11.29 -18.60 -10.10
N VAL B 137 -11.31 -19.91 -10.24
CA VAL B 137 -11.64 -20.87 -9.24
C VAL B 137 -10.38 -21.53 -8.63
N VAL B 138 -10.29 -21.60 -7.29
CA VAL B 138 -9.02 -21.97 -6.69
C VAL B 138 -9.27 -23.18 -5.80
N CYS B 139 -8.37 -24.12 -5.84
N CYS B 139 -8.40 -24.17 -5.88
CA CYS B 139 -8.45 -25.28 -4.98
CA CYS B 139 -8.45 -25.29 -4.95
C CYS B 139 -7.14 -25.40 -4.16
C CYS B 139 -7.13 -25.40 -4.18
N PHE B 140 -7.23 -25.43 -2.84
CA PHE B 140 -6.04 -25.64 -1.97
C PHE B 140 -6.06 -27.09 -1.52
N LEU B 141 -4.94 -27.78 -1.70
CA LEU B 141 -4.68 -29.12 -1.21
C LEU B 141 -3.55 -28.98 -0.19
N ASN B 142 -3.90 -28.96 1.08
CA ASN B 142 -2.97 -28.56 2.12
C ASN B 142 -2.52 -29.67 3.08
N ASN B 143 -1.24 -29.54 3.48
CA ASN B 143 -0.67 -30.33 4.59
C ASN B 143 -0.71 -31.84 4.32
N PHE B 144 -0.09 -32.23 3.23
CA PHE B 144 -0.03 -33.63 2.79
C PHE B 144 1.39 -34.13 2.64
N TYR B 145 1.53 -35.46 2.73
CA TYR B 145 2.85 -36.13 2.54
C TYR B 145 2.54 -37.52 2.05
N PRO B 146 3.20 -38.00 0.97
CA PRO B 146 4.34 -37.39 0.32
C PRO B 146 3.92 -36.33 -0.71
N LYS B 147 4.91 -35.78 -1.40
CA LYS B 147 4.72 -34.63 -2.30
C LYS B 147 3.92 -34.86 -3.56
N ASP B 148 3.98 -36.09 -4.06
CA ASP B 148 3.31 -36.46 -5.31
C ASP B 148 1.81 -36.44 -5.06
N ILE B 149 1.08 -35.72 -5.92
CA ILE B 149 -0.40 -35.57 -5.86
C ILE B 149 -0.89 -35.16 -7.24
N ASN B 150 -2.11 -35.61 -7.55
CA ASN B 150 -2.82 -35.28 -8.77
C ASN B 150 -4.10 -34.54 -8.46
N VAL B 151 -4.42 -33.56 -9.29
CA VAL B 151 -5.65 -32.80 -9.20
C VAL B 151 -6.33 -32.84 -10.53
N ARG B 152 -7.64 -33.00 -10.47
CA ARG B 152 -8.47 -32.99 -11.64
C ARG B 152 -9.61 -31.98 -11.44
N TRP B 153 -9.84 -31.18 -12.47
CA TRP B 153 -10.97 -30.27 -12.51
C TRP B 153 -12.10 -30.73 -13.41
N LYS B 154 -13.33 -30.47 -12.97
CA LYS B 154 -14.54 -30.69 -13.76
C LYS B 154 -15.40 -29.47 -13.72
N ILE B 155 -16.01 -29.18 -14.87
CA ILE B 155 -17.07 -28.22 -15.02
C ILE B 155 -18.32 -28.97 -15.44
N ASP B 156 -19.43 -28.75 -14.74
CA ASP B 156 -20.68 -29.47 -15.03
C ASP B 156 -20.41 -30.95 -15.38
N GLY B 157 -19.65 -31.63 -14.53
CA GLY B 157 -19.33 -33.05 -14.75
C GLY B 157 -18.25 -33.40 -15.76
N SER B 158 -17.83 -32.47 -16.63
CA SER B 158 -16.84 -32.77 -17.68
C SER B 158 -15.45 -32.29 -17.32
N GLU B 159 -14.45 -33.15 -17.47
CA GLU B 159 -13.06 -32.78 -17.18
C GLU B 159 -12.61 -31.58 -18.03
N ARG B 160 -11.60 -30.87 -17.53
CA ARG B 160 -11.09 -29.65 -18.14
C ARG B 160 -9.56 -29.53 -18.05
N GLN B 161 -8.87 -29.28 -19.18
CA GLN B 161 -7.38 -29.33 -19.29
C GLN B 161 -6.65 -27.96 -19.43
N ASN B 162 -7.15 -27.09 -20.30
CA ASN B 162 -6.58 -25.73 -20.49
C ASN B 162 -6.89 -24.85 -19.28
N GLY B 163 -5.97 -23.95 -18.96
CA GLY B 163 -6.22 -22.85 -18.02
C GLY B 163 -6.06 -23.17 -16.54
N VAL B 164 -5.46 -24.34 -16.26
CA VAL B 164 -5.20 -24.86 -14.90
C VAL B 164 -3.75 -24.70 -14.47
N LEU B 165 -3.45 -23.75 -13.57
CA LEU B 165 -2.09 -23.57 -13.05
C LEU B 165 -1.92 -23.94 -11.59
N ASN B 166 -0.79 -24.60 -11.34
CA ASN B 166 -0.56 -25.34 -10.14
C ASN B 166 0.76 -24.89 -9.56
N SER B 167 0.87 -24.99 -8.24
CA SER B 167 2.03 -24.50 -7.57
C SER B 167 2.17 -25.23 -6.26
N TRP B 168 3.37 -25.73 -5.96
CA TRP B 168 3.61 -26.43 -4.73
C TRP B 168 4.44 -25.58 -3.80
N THR B 169 4.15 -25.66 -2.52
CA THR B 169 5.01 -25.02 -1.52
C THR B 169 6.28 -25.83 -1.30
N ASP B 170 7.25 -25.18 -0.70
CA ASP B 170 8.40 -25.90 -0.08
C ASP B 170 7.88 -26.75 1.06
N GLN B 171 8.53 -27.84 1.36
CA GLN B 171 8.25 -28.60 2.57
C GLN B 171 8.26 -27.68 3.83
N ASP B 172 7.24 -27.80 4.68
CA ASP B 172 7.07 -26.85 5.83
C ASP B 172 7.97 -27.36 6.99
N SER B 173 8.76 -26.52 7.62
CA SER B 173 9.42 -26.91 8.89
C SER B 173 8.42 -27.15 10.04
N LYS B 174 7.22 -26.58 9.99
CA LYS B 174 6.32 -26.76 11.15
C LYS B 174 5.91 -28.21 11.28
N ASP B 175 5.53 -28.84 10.16
CA ASP B 175 5.07 -30.24 10.26
C ASP B 175 5.60 -31.15 9.17
N SER B 176 6.58 -30.70 8.41
CA SER B 176 7.16 -31.52 7.34
C SER B 176 6.23 -31.94 6.17
N THR B 177 5.10 -31.22 6.01
CA THR B 177 4.19 -31.50 4.89
C THR B 177 4.40 -30.53 3.74
N TYR B 178 3.77 -30.91 2.63
CA TYR B 178 3.65 -30.12 1.44
C TYR B 178 2.22 -29.60 1.27
N SER B 179 2.10 -28.55 0.46
CA SER B 179 0.80 -28.04 0.05
C SER B 179 0.83 -27.70 -1.40
N MET B 180 -0.38 -27.51 -1.96
CA MET B 180 -0.51 -27.29 -3.37
C MET B 180 -1.72 -26.49 -3.69
N SER B 181 -1.56 -25.49 -4.56
CA SER B 181 -2.67 -24.69 -5.05
C SER B 181 -2.90 -24.98 -6.49
N SER B 182 -4.15 -25.03 -6.88
CA SER B 182 -4.55 -25.25 -8.28
C SER B 182 -5.58 -24.21 -8.64
N THR B 183 -5.33 -23.44 -9.70
CA THR B 183 -6.20 -22.39 -10.09
C THR B 183 -6.68 -22.62 -11.50
N LEU B 184 -8.00 -22.62 -11.66
CA LEU B 184 -8.62 -22.69 -12.98
C LEU B 184 -9.09 -21.35 -13.38
N THR B 185 -8.52 -20.77 -14.46
CA THR B 185 -9.05 -19.44 -14.86
C THR B 185 -9.80 -19.52 -16.17
N LEU B 186 -10.92 -18.85 -16.19
CA LEU B 186 -11.85 -18.79 -17.31
C LEU B 186 -12.17 -17.33 -17.49
N THR B 187 -12.85 -16.99 -18.58
CA THR B 187 -13.40 -15.68 -18.79
C THR B 187 -14.65 -15.68 -17.97
N LYS B 188 -15.14 -14.48 -17.61
CA LYS B 188 -16.37 -14.36 -16.80
C LYS B 188 -17.58 -15.00 -17.52
N ASP B 189 -17.68 -14.72 -18.82
CA ASP B 189 -18.74 -15.27 -19.65
C ASP B 189 -18.73 -16.81 -19.73
N GLU B 190 -17.58 -17.47 -19.74
CA GLU B 190 -17.55 -18.93 -19.74
C GLU B 190 -17.93 -19.43 -18.34
N TYR B 191 -17.39 -18.78 -17.32
CA TYR B 191 -17.77 -19.12 -15.94
C TYR B 191 -19.28 -19.06 -15.66
N GLU B 192 -19.98 -18.05 -16.18
CA GLU B 192 -21.42 -17.91 -15.94
C GLU B 192 -22.34 -18.81 -16.74
N ARG B 193 -21.83 -19.31 -17.86
CA ARG B 193 -22.53 -20.26 -18.70
C ARG B 193 -22.58 -21.64 -18.05
N HIS B 194 -21.71 -21.90 -17.08
CA HIS B 194 -21.66 -23.14 -16.36
C HIS B 194 -22.00 -22.93 -14.91
N ASN B 195 -22.47 -23.96 -14.29
CA ASN B 195 -23.01 -23.86 -12.93
C ASN B 195 -22.24 -24.59 -11.82
N SER B 196 -21.64 -25.74 -12.14
CA SER B 196 -20.98 -26.56 -11.12
C SER B 196 -19.47 -26.72 -11.38
N TYR B 197 -18.65 -26.54 -10.35
CA TYR B 197 -17.21 -26.58 -10.49
C TYR B 197 -16.69 -27.55 -9.43
N THR B 198 -15.83 -28.48 -9.85
CA THR B 198 -15.35 -29.49 -8.94
C THR B 198 -13.82 -29.64 -9.06
N CYS B 199 -13.13 -29.80 -7.95
N CYS B 199 -13.16 -29.83 -7.93
CA CYS B 199 -11.67 -30.12 -7.98
CA CYS B 199 -11.74 -30.25 -7.94
C CYS B 199 -11.54 -31.47 -7.24
C CYS B 199 -11.59 -31.55 -7.22
N GLU B 200 -10.81 -32.43 -7.82
CA GLU B 200 -10.61 -33.78 -7.26
C GLU B 200 -9.13 -34.05 -7.03
N ALA B 201 -8.82 -34.49 -5.80
CA ALA B 201 -7.46 -34.77 -5.36
C ALA B 201 -7.16 -36.29 -5.21
N THR B 202 -6.23 -36.78 -6.03
CA THR B 202 -5.74 -38.16 -5.91
C THR B 202 -4.35 -38.17 -5.21
N HIS B 203 -4.29 -38.76 -4.03
CA HIS B 203 -3.05 -38.92 -3.28
C HIS B 203 -2.97 -40.38 -2.82
N LYS B 204 -1.76 -40.87 -2.54
CA LYS B 204 -1.57 -42.28 -2.15
C LYS B 204 -2.24 -42.66 -0.81
N THR B 205 -2.55 -41.68 0.04
CA THR B 205 -3.20 -41.93 1.33
C THR B 205 -4.59 -42.53 1.25
N SER B 206 -5.23 -42.51 0.09
CA SER B 206 -6.57 -43.11 0.01
C SER B 206 -6.85 -43.45 -1.40
N THR B 207 -7.58 -44.54 -1.64
CA THR B 207 -7.71 -45.07 -3.03
C THR B 207 -8.66 -44.30 -3.92
N SER B 208 -9.51 -43.54 -3.25
CA SER B 208 -10.54 -42.71 -3.85
C SER B 208 -10.19 -41.22 -3.68
N PRO B 209 -10.50 -40.41 -4.70
CA PRO B 209 -10.17 -38.97 -4.66
C PRO B 209 -10.95 -38.20 -3.61
N ILE B 210 -10.35 -37.12 -3.10
CA ILE B 210 -11.09 -36.19 -2.27
C ILE B 210 -11.64 -35.14 -3.21
N VAL B 211 -12.94 -34.82 -3.06
CA VAL B 211 -13.70 -34.06 -4.04
C VAL B 211 -14.40 -32.88 -3.34
N LYS B 212 -14.14 -31.67 -3.83
CA LYS B 212 -14.87 -30.48 -3.41
C LYS B 212 -15.54 -29.82 -4.62
N SER B 213 -16.74 -29.28 -4.36
CA SER B 213 -17.59 -28.72 -5.36
C SER B 213 -18.18 -27.44 -4.87
N PHE B 214 -18.50 -26.58 -5.82
CA PHE B 214 -19.50 -25.54 -5.53
CA PHE B 214 -19.30 -25.36 -5.62
C PHE B 214 -20.35 -25.25 -6.77
N ASN B 215 -21.53 -24.76 -6.47
CA ASN B 215 -22.49 -24.41 -7.47
C ASN B 215 -22.73 -22.88 -7.43
N ARG B 216 -22.75 -22.23 -8.60
CA ARG B 216 -22.89 -20.77 -8.64
C ARG B 216 -24.12 -20.21 -7.95
N ASN B 217 -25.20 -21.00 -7.85
CA ASN B 217 -26.40 -20.51 -7.12
C ASN B 217 -26.62 -21.14 -5.76
N GLU B 218 -25.57 -21.77 -5.19
CA GLU B 218 -25.65 -22.31 -3.84
C GLU B 218 -25.82 -21.17 -2.82
N CYS B 219 -26.76 -21.32 -1.89
CA CYS B 219 -26.87 -20.38 -0.75
C CYS B 219 -27.75 -20.92 0.35
N VAL C 2 -10.05 11.69 24.92
CA VAL C 2 -11.38 11.46 24.34
C VAL C 2 -11.21 11.27 22.84
N GLN C 3 -11.59 10.11 22.36
CA GLN C 3 -11.56 9.83 20.95
C GLN C 3 -12.84 9.17 20.51
N LEU C 4 -13.29 9.49 19.29
CA LEU C 4 -14.38 8.73 18.65
C LEU C 4 -13.79 8.24 17.36
N GLN C 5 -13.66 6.93 17.25
CA GLN C 5 -13.01 6.28 16.11
CA GLN C 5 -13.00 6.33 16.12
C GLN C 5 -14.10 5.72 15.25
N GLN C 6 -14.17 6.22 14.03
CA GLN C 6 -15.08 5.84 13.02
C GLN C 6 -14.43 4.99 11.95
N SER C 7 -15.19 4.12 11.41
CA SER C 7 -14.68 3.28 10.31
C SER C 7 -14.36 4.13 9.05
N GLY C 8 -13.62 3.51 8.14
CA GLY C 8 -13.16 4.17 6.93
C GLY C 8 -14.17 4.23 5.79
N PRO C 9 -13.74 4.69 4.61
CA PRO C 9 -14.67 4.80 3.49
C PRO C 9 -15.38 3.48 3.09
N GLU C 10 -16.69 3.56 2.86
CA GLU C 10 -17.55 2.45 2.42
C GLU C 10 -17.98 2.75 0.95
N LEU C 11 -17.71 1.88 -0.01
CA LEU C 11 -18.52 1.84 -1.24
C LEU C 11 -19.65 0.80 -1.04
N VAL C 12 -20.88 1.20 -1.21
CA VAL C 12 -22.01 0.29 -1.07
C VAL C 12 -23.00 0.36 -2.23
N LYS C 13 -23.65 -0.76 -2.51
CA LYS C 13 -24.50 -0.87 -3.67
C LYS C 13 -25.86 -0.24 -3.43
N PRO C 14 -26.44 0.43 -4.44
CA PRO C 14 -27.78 0.98 -4.13
C PRO C 14 -28.77 -0.12 -3.60
N GLY C 15 -29.69 0.24 -2.70
CA GLY C 15 -30.70 -0.69 -2.21
C GLY C 15 -30.26 -1.55 -1.01
N THR C 16 -28.98 -1.58 -0.69
CA THR C 16 -28.45 -2.29 0.46
C THR C 16 -28.46 -1.46 1.74
N SER C 17 -28.09 -2.10 2.82
CA SER C 17 -27.92 -1.43 4.17
C SER C 17 -26.47 -1.26 4.51
N VAL C 18 -26.15 -0.23 5.34
CA VAL C 18 -24.81 -0.10 5.87
C VAL C 18 -24.90 0.30 7.31
N LYS C 19 -24.04 -0.29 8.08
CA LYS C 19 -23.99 -0.05 9.48
C LYS C 19 -22.59 0.36 9.76
N MET C 20 -22.42 1.51 10.40
CA MET C 20 -21.10 2.03 10.70
C MET C 20 -20.92 2.22 12.17
N PRO C 21 -19.72 1.93 12.69
CA PRO C 21 -19.39 2.10 14.09
C PRO C 21 -18.77 3.42 14.42
N CYS C 22 -18.95 3.79 15.68
CA CYS C 22 -18.32 4.94 16.27
C CYS C 22 -17.85 4.44 17.61
N LYS C 23 -16.57 4.09 17.72
CA LYS C 23 -15.99 3.51 18.95
C LYS C 23 -15.45 4.66 19.87
N ALA C 24 -16.01 4.79 21.06
CA ALA C 24 -15.74 5.87 21.99
C ALA C 24 -14.70 5.38 23.00
N SER C 25 -13.72 6.23 23.23
CA SER C 25 -12.80 5.99 24.36
C SER C 25 -12.43 7.30 25.07
N GLY C 26 -11.91 7.18 26.31
CA GLY C 26 -11.38 8.31 27.05
C GLY C 26 -12.30 9.05 27.98
N TYR C 27 -13.52 8.57 28.16
CA TYR C 27 -14.52 9.23 28.99
C TYR C 27 -15.62 8.20 29.32
N ILE C 28 -16.52 8.55 30.25
CA ILE C 28 -17.57 7.63 30.65
C ILE C 28 -18.67 7.65 29.59
N PHE C 29 -18.76 6.57 28.84
CA PHE C 29 -19.64 6.47 27.64
C PHE C 29 -21.13 6.80 27.93
N THR C 30 -21.63 6.36 29.08
CA THR C 30 -23.05 6.59 29.43
C THR C 30 -23.40 7.99 29.95
N ASP C 31 -22.41 8.86 30.15
CA ASP C 31 -22.67 10.22 30.58
C ASP C 31 -22.89 11.20 29.45
N TYR C 32 -22.74 10.77 28.19
CA TYR C 32 -22.92 11.66 27.08
C TYR C 32 -23.81 11.07 26.01
N VAL C 33 -24.52 11.95 25.33
CA VAL C 33 -25.20 11.62 24.06
C VAL C 33 -24.20 11.36 22.92
N ILE C 34 -24.54 10.44 22.05
CA ILE C 34 -23.89 10.37 20.74
C ILE C 34 -24.83 10.90 19.65
N SER C 35 -24.42 11.93 18.95
CA SER C 35 -25.13 12.45 17.80
C SER C 35 -24.45 12.04 16.52
N TRP C 36 -25.27 11.92 15.50
CA TRP C 36 -24.79 11.70 14.11
C TRP C 36 -25.26 12.81 13.16
N VAL C 37 -24.38 13.12 12.21
CA VAL C 37 -24.42 14.35 11.39
C VAL C 37 -23.95 14.00 10.00
N LYS C 38 -24.77 14.32 8.99
CA LYS C 38 -24.50 14.10 7.59
C LYS C 38 -23.87 15.32 6.95
N GLN C 39 -22.96 15.05 6.03
CA GLN C 39 -22.41 16.12 5.17
C GLN C 39 -22.14 15.65 3.74
N ARG C 40 -22.95 16.10 2.78
CA ARG C 40 -22.70 15.82 1.34
CA ARG C 40 -22.70 15.82 1.34
C ARG C 40 -21.49 16.64 0.89
N THR C 41 -20.75 16.16 -0.15
CA THR C 41 -19.57 16.86 -0.64
C THR C 41 -19.73 18.33 -0.93
N GLY C 42 -18.93 19.11 -0.24
CA GLY C 42 -19.03 20.54 -0.39
C GLY C 42 -20.26 21.23 0.16
N GLN C 43 -21.13 20.52 0.90
CA GLN C 43 -22.40 21.08 1.41
C GLN C 43 -22.33 21.23 2.95
N GLY C 44 -23.48 21.62 3.50
CA GLY C 44 -23.56 21.92 4.96
C GLY C 44 -23.76 20.72 5.86
N LEU C 45 -23.61 20.96 7.18
CA LEU C 45 -23.96 19.91 8.17
C LEU C 45 -25.47 19.70 8.37
N GLU C 46 -25.88 18.46 8.56
CA GLU C 46 -27.30 18.12 8.74
C GLU C 46 -27.41 17.10 9.83
N TRP C 47 -28.01 17.45 10.95
CA TRP C 47 -28.08 16.55 12.06
C TRP C 47 -29.07 15.42 11.80
N ILE C 48 -28.70 14.20 12.06
CA ILE C 48 -29.52 13.02 11.85
C ILE C 48 -30.33 12.58 13.04
N GLY C 49 -29.68 12.47 14.22
CA GLY C 49 -30.27 11.86 15.32
C GLY C 49 -29.31 11.73 16.47
N GLU C 50 -29.84 11.30 17.61
CA GLU C 50 -29.03 11.14 18.82
C GLU C 50 -29.44 9.87 19.54
N ILE C 51 -28.53 9.32 20.32
CA ILE C 51 -28.86 8.24 21.22
C ILE C 51 -28.29 8.56 22.57
N PHE C 52 -29.04 8.22 23.60
CA PHE C 52 -28.59 8.22 24.98
C PHE C 52 -28.15 6.82 25.31
N PRO C 53 -26.83 6.57 25.34
CA PRO C 53 -26.38 5.20 25.64
C PRO C 53 -26.82 4.61 27.06
N ARG C 54 -27.06 5.43 28.07
CA ARG C 54 -27.46 4.93 29.39
C ARG C 54 -28.79 4.22 29.26
N SER C 55 -29.68 4.83 28.51
CA SER C 55 -31.07 4.41 28.48
C SER C 55 -31.41 3.68 27.18
N GLY C 56 -30.65 3.92 26.12
CA GLY C 56 -31.08 3.45 24.84
C GLY C 56 -32.08 4.32 24.10
N SER C 57 -32.64 5.34 24.74
CA SER C 57 -33.54 6.27 24.04
C SER C 57 -32.91 7.01 22.84
N THR C 58 -33.70 7.12 21.81
CA THR C 58 -33.26 7.76 20.57
C THR C 58 -34.26 8.83 20.16
N TYR C 59 -33.74 9.88 19.53
CA TYR C 59 -34.54 10.99 18.96
C TYR C 59 -33.98 11.17 17.55
N TYR C 60 -34.85 11.35 16.57
CA TYR C 60 -34.46 11.57 15.19
C TYR C 60 -35.00 12.85 14.56
N ASN C 61 -34.17 13.43 13.71
CA ASN C 61 -34.58 14.36 12.67
C ASN C 61 -35.67 13.64 11.81
N GLU C 62 -36.87 14.23 11.79
CA GLU C 62 -38.02 13.63 11.10
C GLU C 62 -37.69 13.23 9.66
N LYS C 63 -36.85 14.02 9.00
CA LYS C 63 -36.37 13.70 7.70
C LYS C 63 -35.64 12.35 7.55
N PHE C 64 -34.98 11.89 8.61
CA PHE C 64 -34.19 10.67 8.61
C PHE C 64 -34.87 9.50 9.24
N LYS C 65 -36.09 9.70 9.75
CA LYS C 65 -36.77 8.69 10.49
C LYS C 65 -36.90 7.36 9.73
N GLY C 66 -37.37 7.43 8.51
CA GLY C 66 -37.32 6.24 7.61
C GLY C 66 -35.97 5.69 7.10
N LYS C 67 -34.84 6.31 7.40
CA LYS C 67 -33.54 5.99 6.79
C LYS C 67 -32.51 5.45 7.77
N ALA C 68 -32.39 6.09 8.95
CA ALA C 68 -31.35 5.81 9.92
C ALA C 68 -31.94 5.12 11.18
N THR C 69 -31.15 4.23 11.74
CA THR C 69 -31.43 3.57 13.01
C THR C 69 -30.17 3.65 13.88
N LEU C 70 -30.28 4.24 15.07
CA LEU C 70 -29.15 4.36 15.94
C LEU C 70 -29.25 3.35 17.09
N THR C 71 -28.13 2.71 17.38
CA THR C 71 -28.01 1.77 18.49
C THR C 71 -26.69 2.03 19.22
N ALA C 72 -26.54 1.42 20.38
CA ALA C 72 -25.33 1.57 21.20
C ALA C 72 -25.09 0.28 21.92
N ASP C 73 -23.80 -0.07 22.02
CA ASP C 73 -23.38 -1.23 22.83
C ASP C 73 -22.49 -0.70 23.94
N LYS C 74 -23.05 -0.70 25.13
CA LYS C 74 -22.40 -0.18 26.31
C LYS C 74 -21.11 -0.92 26.62
N SER C 75 -21.13 -2.24 26.49
CA SER C 75 -19.98 -3.05 26.85
C SER C 75 -18.77 -2.83 25.96
N SER C 76 -18.97 -2.39 24.72
CA SER C 76 -17.86 -2.05 23.82
C SER C 76 -17.67 -0.54 23.65
N ASN C 77 -18.50 0.26 24.33
CA ASN C 77 -18.54 1.73 24.23
C ASN C 77 -18.63 2.10 22.74
N THR C 78 -19.49 1.41 22.05
CA THR C 78 -19.67 1.60 20.61
C THR C 78 -21.11 2.05 20.29
N ALA C 79 -21.22 3.17 19.57
CA ALA C 79 -22.47 3.52 18.93
C ALA C 79 -22.45 3.11 17.45
N TYR C 80 -23.59 2.80 16.92
CA TYR C 80 -23.74 2.44 15.53
C TYR C 80 -24.81 3.27 14.83
N MET C 81 -24.66 3.46 13.53
CA MET C 81 -25.75 3.96 12.71
C MET C 81 -25.92 3.05 11.54
N GLN C 82 -27.15 2.61 11.34
CA GLN C 82 -27.49 1.86 10.09
C GLN C 82 -28.35 2.71 9.17
N LEU C 83 -28.01 2.76 7.90
CA LEU C 83 -28.77 3.42 6.85
C LEU C 83 -29.39 2.35 6.00
N SER C 84 -30.71 2.39 5.86
CA SER C 84 -31.41 1.40 5.10
C SER C 84 -31.69 1.84 3.64
N SER C 85 -31.76 0.81 2.81
CA SER C 85 -32.05 0.94 1.40
C SER C 85 -31.42 2.13 0.76
N VAL C 86 -30.08 2.15 0.73
CA VAL C 86 -29.34 3.32 0.38
C VAL C 86 -29.47 3.71 -1.09
N THR C 87 -29.41 5.00 -1.32
CA THR C 87 -29.45 5.61 -2.68
C THR C 87 -28.31 6.63 -2.85
N SER C 88 -28.14 7.18 -4.05
CA SER C 88 -27.13 8.21 -4.28
C SER C 88 -27.33 9.49 -3.37
N GLU C 89 -28.55 9.75 -2.95
CA GLU C 89 -28.84 10.83 -1.97
C GLU C 89 -28.13 10.67 -0.62
N ASP C 90 -27.75 9.43 -0.32
CA ASP C 90 -27.11 9.05 0.91
C ASP C 90 -25.60 9.07 0.84
N SER C 91 -25.03 9.31 -0.34
CA SER C 91 -23.58 9.42 -0.44
C SER C 91 -23.15 10.64 0.29
N ALA C 92 -22.30 10.48 1.29
CA ALA C 92 -21.93 11.55 2.18
C ALA C 92 -20.85 11.10 3.12
N VAL C 93 -20.29 12.07 3.87
CA VAL C 93 -19.55 11.79 5.10
C VAL C 93 -20.56 11.80 6.27
N TYR C 94 -20.46 10.83 7.17
CA TYR C 94 -21.28 10.75 8.36
C TYR C 94 -20.32 10.86 9.54
N PHE C 95 -20.50 11.91 10.31
CA PHE C 95 -19.79 12.12 11.59
C PHE C 95 -20.62 11.63 12.77
N CYS C 96 -19.94 11.04 13.75
CA CYS C 96 -20.48 10.87 15.06
C CYS C 96 -19.81 11.91 15.92
N ALA C 97 -20.48 12.32 16.97
CA ALA C 97 -19.97 13.25 17.91
C ALA C 97 -20.50 13.05 19.37
N ARG C 98 -19.62 13.33 20.31
CA ARG C 98 -19.89 13.42 21.72
C ARG C 98 -20.63 14.72 21.95
N ASP C 99 -21.75 14.56 22.59
CA ASP C 99 -22.78 15.59 22.70
C ASP C 99 -23.11 15.73 24.19
N TYR C 100 -22.66 16.82 24.79
CA TYR C 100 -22.75 17.00 26.22
C TYR C 100 -24.14 17.56 26.61
N TYR C 101 -25.17 16.78 26.27
CA TYR C 101 -26.56 17.07 26.61
C TYR C 101 -26.70 17.13 28.13
N GLY C 102 -27.31 18.19 28.63
CA GLY C 102 -27.44 18.47 30.09
C GLY C 102 -26.44 19.47 30.68
N THR C 103 -25.33 19.73 29.98
CA THR C 103 -24.33 20.65 30.46
C THR C 103 -24.04 21.76 29.42
N SER C 104 -23.11 21.53 28.48
CA SER C 104 -22.80 22.56 27.48
C SER C 104 -23.88 22.53 26.37
N PHE C 105 -24.54 21.40 26.21
CA PHE C 105 -25.41 21.09 25.06
C PHE C 105 -24.73 21.31 23.74
N ALA C 106 -23.49 20.90 23.66
CA ALA C 106 -22.76 21.06 22.46
C ALA C 106 -21.89 19.85 22.18
N MET C 107 -21.46 19.78 20.94
CA MET C 107 -20.73 18.60 20.42
C MET C 107 -19.27 18.95 20.54
N ASP C 108 -18.64 18.53 21.61
CA ASP C 108 -17.22 18.95 21.88
C ASP C 108 -16.12 18.08 21.27
N TYR C 109 -16.35 16.79 20.98
CA TYR C 109 -15.40 15.91 20.35
C TYR C 109 -16.14 15.19 19.19
N TRP C 110 -15.48 15.10 18.04
CA TRP C 110 -16.05 14.60 16.79
C TRP C 110 -15.22 13.41 16.25
N GLY C 111 -15.88 12.39 15.72
CA GLY C 111 -15.17 11.45 14.89
C GLY C 111 -14.60 12.14 13.66
N GLN C 112 -13.84 11.37 12.89
CA GLN C 112 -13.19 11.85 11.72
C GLN C 112 -14.11 11.70 10.55
N GLY C 113 -15.30 11.09 10.71
CA GLY C 113 -16.25 10.91 9.61
C GLY C 113 -16.02 9.62 8.78
N THR C 114 -17.11 8.97 8.40
CA THR C 114 -17.12 7.79 7.55
C THR C 114 -17.66 8.18 6.20
N SER C 115 -16.82 8.09 5.16
CA SER C 115 -17.25 8.49 3.84
C SER C 115 -18.00 7.36 3.13
N VAL C 116 -19.30 7.54 2.85
CA VAL C 116 -20.08 6.52 2.21
C VAL C 116 -20.38 6.89 0.77
N THR C 117 -19.92 6.10 -0.23
CA THR C 117 -20.36 6.33 -1.59
C THR C 117 -21.33 5.23 -1.99
N VAL C 118 -22.47 5.64 -2.58
CA VAL C 118 -23.55 4.72 -2.94
C VAL C 118 -23.47 4.65 -4.44
N SER C 119 -23.06 3.48 -4.99
CA SER C 119 -22.87 3.36 -6.39
C SER C 119 -22.77 1.89 -6.75
N SER C 120 -23.09 1.54 -8.00
CA SER C 120 -22.92 0.16 -8.51
C SER C 120 -21.51 -0.09 -9.02
N ALA C 121 -20.69 0.95 -9.23
CA ALA C 121 -19.34 0.83 -9.80
C ALA C 121 -18.44 -0.08 -8.97
N LYS C 122 -17.49 -0.79 -9.59
CA LYS C 122 -16.52 -1.54 -8.80
C LYS C 122 -15.53 -0.57 -8.14
N THR C 123 -14.71 -1.11 -7.24
CA THR C 123 -13.60 -0.36 -6.69
C THR C 123 -12.41 -0.41 -7.65
N THR C 124 -11.88 0.75 -8.03
CA THR C 124 -10.66 0.90 -8.87
C THR C 124 -9.57 1.70 -8.10
N PRO C 125 -8.42 1.09 -7.84
CA PRO C 125 -7.37 1.83 -7.21
C PRO C 125 -6.73 2.81 -8.22
N PRO C 126 -6.10 3.89 -7.76
CA PRO C 126 -5.46 4.83 -8.64
C PRO C 126 -4.19 4.33 -9.29
N SER C 127 -3.94 4.85 -10.48
CA SER C 127 -2.58 4.78 -11.04
C SER C 127 -1.86 6.06 -10.59
N VAL C 128 -0.67 5.93 -10.04
CA VAL C 128 0.07 7.05 -9.55
C VAL C 128 1.27 7.34 -10.50
N TYR C 129 1.33 8.52 -11.05
CA TYR C 129 2.44 8.86 -12.01
C TYR C 129 3.22 10.05 -11.48
N PRO C 130 4.59 9.98 -11.53
CA PRO C 130 5.48 11.01 -11.07
C PRO C 130 5.42 12.14 -12.07
N LEU C 131 5.47 13.37 -11.57
CA LEU C 131 5.61 14.52 -12.39
C LEU C 131 6.94 15.22 -12.13
N ALA C 132 7.81 15.17 -13.12
CA ALA C 132 9.18 15.71 -13.05
C ALA C 132 9.34 16.70 -14.18
N PRO C 133 10.19 17.71 -13.99
CA PRO C 133 10.39 18.65 -15.11
C PRO C 133 10.99 18.04 -16.38
N GLY C 134 10.59 18.57 -17.54
CA GLY C 134 11.22 18.25 -18.83
C GLY C 134 12.63 18.86 -18.92
N SER C 135 13.40 18.42 -19.92
CA SER C 135 14.80 18.85 -20.16
C SER C 135 15.15 20.33 -19.86
N ALA C 136 14.25 21.26 -20.17
CA ALA C 136 14.42 22.69 -19.82
C ALA C 136 14.43 22.97 -18.30
N ALA C 137 14.87 24.16 -17.89
CA ALA C 137 15.01 24.49 -16.45
C ALA C 137 15.01 26.01 -16.10
N GLN C 138 13.85 26.65 -16.21
CA GLN C 138 13.69 28.09 -15.90
C GLN C 138 13.25 28.39 -14.46
N THR C 139 13.45 29.65 -14.03
CA THR C 139 13.15 30.11 -12.65
C THR C 139 13.89 29.33 -11.56
N ASN C 140 15.14 28.97 -11.87
CA ASN C 140 15.84 27.83 -11.26
C ASN C 140 16.21 27.82 -9.78
N SER C 141 15.74 28.79 -8.99
CA SER C 141 15.94 28.79 -7.54
C SER C 141 15.14 27.74 -6.71
N MET C 142 13.84 27.60 -7.03
CA MET C 142 13.01 26.49 -6.51
C MET C 142 12.65 25.56 -7.68
N VAL C 143 12.36 24.28 -7.40
CA VAL C 143 11.79 23.36 -8.41
C VAL C 143 10.46 22.81 -7.96
N THR C 144 9.52 22.66 -8.90
CA THR C 144 8.21 22.11 -8.60
C THR C 144 8.13 20.72 -9.21
N LEU C 145 7.74 19.78 -8.37
CA LEU C 145 7.48 18.39 -8.67
C LEU C 145 6.00 18.09 -8.38
N GLY C 146 5.54 16.94 -8.84
CA GLY C 146 4.25 16.44 -8.37
C GLY C 146 3.97 15.03 -8.63
N CYS C 147 2.73 14.64 -8.33
CA CYS C 147 2.18 13.32 -8.55
CA CYS C 147 2.24 13.34 -8.72
C CYS C 147 0.78 13.41 -9.12
N LEU C 148 0.52 12.68 -10.21
CA LEU C 148 -0.75 12.56 -10.86
C LEU C 148 -1.40 11.22 -10.36
N VAL C 149 -2.56 11.38 -9.76
CA VAL C 149 -3.27 10.25 -9.17
C VAL C 149 -4.53 10.06 -9.97
N LYS C 150 -4.51 9.08 -10.86
CA LYS C 150 -5.48 8.98 -11.95
C LYS C 150 -6.27 7.72 -11.96
N GLY C 151 -7.56 7.91 -12.25
CA GLY C 151 -8.41 6.79 -12.64
C GLY C 151 -8.88 5.95 -11.49
N TYR C 152 -9.31 6.55 -10.39
CA TYR C 152 -9.69 5.79 -9.22
C TYR C 152 -11.14 5.96 -8.81
N PHE C 153 -11.64 5.01 -8.04
CA PHE C 153 -13.05 5.11 -7.56
C PHE C 153 -13.24 4.23 -6.35
N PRO C 154 -13.97 4.62 -5.28
CA PRO C 154 -14.56 5.93 -5.00
C PRO C 154 -13.53 6.87 -4.35
N GLU C 155 -13.95 8.10 -4.13
CA GLU C 155 -13.28 8.98 -3.15
C GLU C 155 -13.19 8.37 -1.76
N PRO C 156 -12.28 8.83 -0.88
CA PRO C 156 -11.24 9.82 -1.15
C PRO C 156 -9.92 9.13 -1.39
N VAL C 157 -8.93 9.92 -1.80
CA VAL C 157 -7.51 9.56 -1.65
C VAL C 157 -6.80 10.62 -0.83
N THR C 158 -5.78 10.19 -0.10
CA THR C 158 -4.90 11.06 0.63
C THR C 158 -3.51 11.06 0.02
N VAL C 159 -2.90 12.25 -0.06
CA VAL C 159 -1.53 12.41 -0.51
C VAL C 159 -0.68 13.13 0.52
N THR C 160 0.45 12.56 0.81
CA THR C 160 1.45 13.26 1.57
C THR C 160 2.75 13.20 0.81
N TRP C 161 3.76 13.94 1.29
CA TRP C 161 5.05 13.94 0.64
C TRP C 161 6.12 13.60 1.69
N ASN C 162 7.02 12.67 1.36
CA ASN C 162 8.05 12.10 2.25
C ASN C 162 7.46 11.70 3.62
N SER C 163 6.33 11.00 3.54
CA SER C 163 5.57 10.56 4.70
C SER C 163 5.16 11.66 5.66
N GLY C 164 4.90 12.85 5.14
CA GLY C 164 4.49 13.97 5.98
C GLY C 164 5.59 14.95 6.33
N SER C 165 6.86 14.57 6.18
CA SER C 165 8.00 15.39 6.59
C SER C 165 8.28 16.57 5.67
N LEU C 166 7.72 16.50 4.46
CA LEU C 166 7.76 17.55 3.53
C LEU C 166 6.36 18.20 3.59
N SER C 167 6.26 19.37 4.21
CA SER C 167 4.91 19.86 4.57
C SER C 167 4.49 21.11 3.85
N SER C 168 5.44 22.02 3.77
CA SER C 168 5.20 23.33 3.21
C SER C 168 5.48 23.24 1.75
N GLY C 169 4.95 24.18 1.01
CA GLY C 169 5.11 24.18 -0.41
C GLY C 169 4.26 23.12 -1.12
N VAL C 170 3.32 22.48 -0.41
CA VAL C 170 2.48 21.40 -0.97
C VAL C 170 1.10 21.94 -1.35
N HIS C 171 0.63 21.61 -2.56
CA HIS C 171 -0.74 21.89 -2.97
C HIS C 171 -1.35 20.61 -3.47
N THR C 172 -2.46 20.21 -2.86
CA THR C 172 -3.18 19.01 -3.28
C THR C 172 -4.58 19.45 -3.79
N PHE C 173 -4.84 19.19 -5.07
CA PHE C 173 -5.99 19.61 -5.78
C PHE C 173 -7.17 18.70 -5.59
N PRO C 174 -8.38 19.28 -5.39
CA PRO C 174 -9.60 18.46 -5.29
C PRO C 174 -9.86 17.56 -6.52
N ALA C 175 -10.29 16.32 -6.28
CA ALA C 175 -10.62 15.39 -7.36
C ALA C 175 -11.68 15.91 -8.29
N VAL C 176 -11.62 15.45 -9.53
CA VAL C 176 -12.66 15.61 -10.56
C VAL C 176 -13.08 14.27 -11.15
N LEU C 177 -14.40 14.09 -11.23
CA LEU C 177 -14.98 12.91 -11.75
C LEU C 177 -15.13 13.08 -13.26
N GLN C 178 -14.65 12.12 -14.02
CA GLN C 178 -14.90 12.05 -15.47
C GLN C 178 -14.92 10.63 -15.92
N SER C 179 -15.89 10.26 -16.76
CA SER C 179 -16.02 8.89 -17.26
C SER C 179 -16.02 7.90 -16.11
N ASP C 180 -16.71 8.27 -15.02
CA ASP C 180 -16.94 7.32 -13.93
C ASP C 180 -15.67 7.05 -13.04
N LEU C 181 -14.65 7.91 -13.16
CA LEU C 181 -13.40 7.77 -12.37
C LEU C 181 -12.85 9.12 -11.98
N TYR C 182 -12.20 9.19 -10.83
CA TYR C 182 -11.66 10.38 -10.30
C TYR C 182 -10.21 10.53 -10.64
N THR C 183 -9.78 11.77 -10.78
CA THR C 183 -8.38 12.09 -10.92
C THR C 183 -8.06 13.27 -10.04
N LEU C 184 -6.92 13.23 -9.38
CA LEU C 184 -6.40 14.42 -8.75
C LEU C 184 -4.88 14.51 -8.92
N SER C 185 -4.35 15.64 -8.56
CA SER C 185 -2.87 15.81 -8.49
C SER C 185 -2.42 16.53 -7.24
N SER C 186 -1.13 16.41 -6.98
CA SER C 186 -0.53 17.15 -5.85
C SER C 186 0.80 17.64 -6.33
N SER C 187 1.18 18.85 -5.91
CA SER C 187 2.54 19.39 -6.19
C SER C 187 3.24 19.79 -4.91
N VAL C 188 4.56 19.80 -4.99
CA VAL C 188 5.42 20.23 -3.97
C VAL C 188 6.54 21.01 -4.64
N THR C 189 6.99 22.00 -3.91
CA THR C 189 8.03 22.91 -4.40
C THR C 189 9.13 22.92 -3.36
N VAL C 190 10.36 22.62 -3.83
CA VAL C 190 11.55 22.50 -2.97
C VAL C 190 12.74 23.26 -3.60
N PRO C 191 13.75 23.59 -2.77
CA PRO C 191 14.93 24.29 -3.29
C PRO C 191 15.59 23.50 -4.39
N SER C 192 15.96 24.12 -5.50
CA SER C 192 16.56 23.33 -6.59
C SER C 192 17.77 22.48 -6.09
N SER C 193 18.51 23.03 -5.13
CA SER C 193 19.70 22.38 -4.57
C SER C 193 19.47 21.11 -3.74
N THR C 194 18.23 20.79 -3.39
CA THR C 194 17.89 19.56 -2.67
C THR C 194 17.43 18.40 -3.57
N TRP C 195 17.04 18.68 -4.79
CA TRP C 195 16.54 17.63 -5.66
C TRP C 195 17.29 17.67 -6.97
N PRO C 196 17.83 16.54 -7.45
CA PRO C 196 17.49 15.18 -7.03
C PRO C 196 18.29 14.57 -5.88
N SER C 197 19.25 15.31 -5.35
CA SER C 197 20.21 14.81 -4.35
C SER C 197 19.55 14.27 -3.10
N GLU C 198 18.45 14.89 -2.70
CA GLU C 198 17.67 14.46 -1.56
C GLU C 198 16.28 14.04 -2.06
N THR C 199 15.83 12.89 -1.58
CA THR C 199 14.73 12.16 -2.19
C THR C 199 13.42 12.88 -1.96
N VAL C 200 12.53 12.81 -2.97
CA VAL C 200 11.12 13.28 -2.79
C VAL C 200 10.14 12.22 -3.32
N THR C 201 9.21 11.81 -2.43
CA THR C 201 8.33 10.70 -2.66
C THR C 201 6.90 11.12 -2.31
N CYS C 202 5.99 10.93 -3.25
N CYS C 202 5.98 10.92 -3.24
CA CYS C 202 4.61 11.14 -2.88
CA CYS C 202 4.57 11.18 -2.94
C CYS C 202 4.07 9.82 -2.30
C CYS C 202 3.92 9.87 -2.43
N ASN C 203 3.26 9.93 -1.27
CA ASN C 203 2.60 8.76 -0.61
C ASN C 203 1.09 8.87 -0.81
N VAL C 204 0.51 7.91 -1.48
CA VAL C 204 -0.85 8.00 -1.94
C VAL C 204 -1.60 6.89 -1.26
N ALA C 205 -2.74 7.21 -0.63
CA ALA C 205 -3.58 6.18 0.00
C ALA C 205 -4.99 6.23 -0.61
N HIS C 206 -5.54 5.04 -0.85
CA HIS C 206 -6.87 4.92 -1.39
C HIS C 206 -7.60 3.92 -0.52
N PRO C 207 -8.23 4.41 0.55
CA PRO C 207 -8.67 3.49 1.61
C PRO C 207 -9.75 2.57 1.17
N ALA C 208 -10.67 3.03 0.28
CA ALA C 208 -11.71 2.14 -0.20
C ALA C 208 -11.24 0.90 -0.99
N SER C 209 -10.05 0.92 -1.58
CA SER C 209 -9.44 -0.29 -2.13
C SER C 209 -8.35 -0.88 -1.23
N SER C 210 -8.19 -0.35 -0.01
CA SER C 210 -7.03 -0.62 0.90
C SER C 210 -5.66 -0.65 0.20
N THR C 211 -5.44 0.30 -0.69
CA THR C 211 -4.19 0.42 -1.52
C THR C 211 -3.35 1.60 -1.02
N LYS C 212 -2.05 1.40 -0.93
CA LYS C 212 -1.13 2.50 -0.68
C LYS C 212 -0.05 2.43 -1.76
N VAL C 213 0.30 3.56 -2.31
CA VAL C 213 1.41 3.69 -3.31
C VAL C 213 2.41 4.76 -2.94
N ASP C 214 3.69 4.40 -2.98
CA ASP C 214 4.80 5.38 -2.78
C ASP C 214 5.47 5.61 -4.12
N LYS C 215 5.47 6.82 -4.66
CA LYS C 215 6.11 7.09 -5.92
C LYS C 215 7.23 8.09 -5.71
N LYS C 216 8.45 7.59 -5.84
CA LYS C 216 9.61 8.42 -5.88
C LYS C 216 9.63 9.23 -7.09
N ILE C 217 9.93 10.51 -6.99
CA ILE C 217 10.05 11.35 -8.12
C ILE C 217 11.54 11.42 -8.58
N VAL C 218 11.85 10.80 -9.71
CA VAL C 218 13.23 10.88 -10.26
C VAL C 218 13.30 11.74 -11.49
N PRO C 219 14.48 12.33 -11.78
CA PRO C 219 14.56 13.08 -13.02
C PRO C 219 14.49 12.20 -14.25
N ARG C 220 14.02 12.79 -15.33
CA ARG C 220 13.86 12.08 -16.61
C ARG C 220 15.21 12.04 -17.35
N ASP C 221 15.20 11.46 -18.56
CA ASP C 221 16.32 11.59 -19.53
C ASP C 221 15.84 11.33 -20.96
N ASP D 1 -40.60 21.60 15.73
CA ASP D 1 -39.08 21.59 15.44
C ASP D 1 -38.62 22.99 15.21
N ILE D 2 -37.30 23.20 15.24
CA ILE D 2 -36.71 24.50 15.06
C ILE D 2 -35.86 24.60 13.82
N VAL D 3 -36.00 25.73 13.15
CA VAL D 3 -35.39 26.01 11.88
C VAL D 3 -34.39 27.10 12.15
N MET D 4 -33.19 26.97 11.59
CA MET D 4 -32.11 27.86 11.85
C MET D 4 -31.77 28.47 10.51
N SER D 5 -31.50 29.76 10.52
CA SER D 5 -31.02 30.38 9.31
C SER D 5 -29.90 31.38 9.53
N GLN D 6 -28.82 31.14 8.83
CA GLN D 6 -27.65 31.95 8.90
C GLN D 6 -27.49 32.86 7.74
N SER D 7 -26.85 34.00 8.00
CA SER D 7 -26.56 34.93 6.92
C SER D 7 -25.33 35.74 7.23
N PRO D 8 -24.67 36.27 6.21
CA PRO D 8 -24.83 35.88 4.80
C PRO D 8 -24.23 34.50 4.52
N SER D 9 -24.35 34.02 3.28
CA SER D 9 -23.81 32.71 3.00
C SER D 9 -22.29 32.77 2.91
N SER D 10 -21.73 33.94 2.56
CA SER D 10 -20.29 34.12 2.60
C SER D 10 -19.89 35.57 2.79
N LEU D 11 -18.74 35.74 3.42
CA LEU D 11 -18.12 37.00 3.76
C LEU D 11 -16.70 37.03 3.29
N ALA D 12 -16.18 38.24 3.01
CA ALA D 12 -14.71 38.43 2.73
C ALA D 12 -14.21 39.72 3.38
N VAL D 13 -13.18 39.59 4.21
CA VAL D 13 -12.38 40.72 4.76
C VAL D 13 -10.90 40.48 4.60
N SER D 14 -10.12 41.55 4.73
CA SER D 14 -8.67 41.46 4.86
C SER D 14 -8.30 41.03 6.24
N ALA D 15 -7.12 40.43 6.38
CA ALA D 15 -6.57 40.02 7.68
C ALA D 15 -6.46 41.23 8.56
N GLY D 16 -6.74 41.06 9.84
CA GLY D 16 -6.82 42.18 10.77
C GLY D 16 -8.14 42.87 10.94
N GLU D 17 -9.06 42.69 10.00
CA GLU D 17 -10.38 43.30 10.09
C GLU D 17 -11.33 42.47 10.94
N LYS D 18 -12.47 43.07 11.22
CA LYS D 18 -13.54 42.41 11.95
C LYS D 18 -14.65 41.95 11.04
N VAL D 19 -15.29 40.85 11.42
CA VAL D 19 -16.36 40.34 10.68
C VAL D 19 -17.40 39.80 11.68
N THR D 20 -18.66 39.95 11.34
CA THR D 20 -19.73 39.33 12.09
C THR D 20 -20.58 38.52 11.16
N MET D 21 -21.33 37.56 11.72
CA MET D 21 -22.28 36.76 10.99
C MET D 21 -23.50 36.53 11.89
N SER D 22 -24.68 36.35 11.29
N SER D 22 -24.65 36.31 11.25
CA SER D 22 -25.90 36.23 12.08
CA SER D 22 -25.94 36.25 11.93
C SER D 22 -26.55 34.87 11.95
C SER D 22 -26.50 34.82 11.96
N CYS D 23 -27.31 34.51 12.99
CA CYS D 23 -28.00 33.27 13.10
C CYS D 23 -29.35 33.58 13.70
N LYS D 24 -30.39 33.17 13.03
CA LYS D 24 -31.75 33.31 13.53
C LYS D 24 -32.49 31.97 13.72
N SER D 25 -33.15 31.80 14.86
CA SER D 25 -33.86 30.59 15.18
C SER D 25 -35.35 30.88 15.03
N SER D 26 -36.09 29.90 14.59
CA SER D 26 -37.56 30.03 14.37
C SER D 26 -38.35 30.12 15.70
N GLN D 27 -37.76 29.68 16.81
CA GLN D 27 -38.34 29.70 18.16
C GLN D 27 -37.23 30.09 19.09
N SER D 28 -37.57 30.79 20.19
CA SER D 28 -36.58 31.14 21.21
C SER D 28 -35.81 29.92 21.79
N LEU D 29 -34.52 30.09 21.98
CA LEU D 29 -33.64 29.07 22.49
C LEU D 29 -33.30 29.35 23.93
N LEU D 30 -33.98 30.31 24.52
CA LEU D 30 -33.68 30.74 25.91
C LEU D 30 -34.37 29.79 26.89
N ASN D 31 -33.63 29.24 27.85
CA ASN D 31 -34.21 28.28 28.79
C ASN D 31 -34.94 29.07 29.86
N SER D 32 -35.95 28.49 30.49
CA SER D 32 -36.65 29.18 31.60
C SER D 32 -35.88 29.19 32.94
N ARG D 33 -35.78 28.03 33.59
CA ARG D 33 -35.18 27.92 34.93
C ARG D 33 -33.73 28.36 34.98
N THR D 34 -32.94 27.82 34.05
CA THR D 34 -31.60 28.38 33.75
C THR D 34 -31.82 29.58 32.83
N ARG D 35 -30.91 30.55 32.87
CA ARG D 35 -30.97 31.68 31.98
C ARG D 35 -29.99 31.50 30.84
N LYS D 36 -29.91 30.30 30.26
CA LYS D 36 -28.97 30.04 29.14
C LYS D 36 -29.70 29.86 27.81
N ASN D 37 -29.07 30.36 26.76
CA ASN D 37 -29.52 30.07 25.36
C ASN D 37 -28.76 28.85 24.76
N TYR D 38 -29.51 27.89 24.22
CA TYR D 38 -28.93 26.59 23.76
C TYR D 38 -28.48 26.72 22.31
N LEU D 39 -27.45 27.53 22.12
CA LEU D 39 -26.93 27.91 20.84
C LEU D 39 -25.41 27.83 20.83
N ALA D 40 -24.88 27.05 19.89
CA ALA D 40 -23.47 26.86 19.76
C ALA D 40 -22.93 27.26 18.37
N TRP D 41 -21.66 27.65 18.29
CA TRP D 41 -20.97 27.97 17.06
C TRP D 41 -19.82 27.01 16.83
N TYR D 42 -19.72 26.53 15.59
CA TYR D 42 -18.65 25.59 15.17
C TYR D 42 -17.92 26.11 13.93
N GLN D 43 -16.66 25.74 13.80
CA GLN D 43 -15.75 26.13 12.77
C GLN D 43 -15.42 24.85 12.05
N GLN D 44 -15.58 24.81 10.72
CA GLN D 44 -15.16 23.65 9.96
C GLN D 44 -14.17 24.09 8.90
N LYS D 45 -12.92 23.69 9.12
CA LYS D 45 -11.88 23.93 8.08
C LYS D 45 -11.93 22.93 6.97
N PRO D 46 -11.38 23.28 5.82
CA PRO D 46 -11.46 22.30 4.73
C PRO D 46 -10.80 20.94 5.05
N GLY D 47 -11.53 19.89 4.69
CA GLY D 47 -11.19 18.53 5.03
C GLY D 47 -11.01 18.11 6.50
N GLN D 48 -11.58 18.87 7.46
CA GLN D 48 -11.50 18.54 8.85
C GLN D 48 -12.92 18.40 9.42
N SER D 49 -12.97 17.77 10.59
CA SER D 49 -14.23 17.65 11.36
C SER D 49 -14.54 19.02 11.99
N PRO D 50 -15.81 19.34 12.19
CA PRO D 50 -16.14 20.60 12.85
C PRO D 50 -15.54 20.71 14.24
N LYS D 51 -15.29 21.92 14.64
CA LYS D 51 -14.75 22.25 15.95
C LYS D 51 -15.65 23.20 16.72
N LEU D 52 -15.99 22.86 17.96
CA LEU D 52 -16.79 23.74 18.82
C LEU D 52 -16.00 24.98 19.20
N LEU D 53 -16.60 26.14 19.00
CA LEU D 53 -16.02 27.41 19.40
C LEU D 53 -16.70 28.02 20.66
N ILE D 54 -18.05 28.00 20.70
CA ILE D 54 -18.80 28.71 21.67
C ILE D 54 -20.09 27.88 21.95
N TYR D 55 -20.50 27.89 23.20
CA TYR D 55 -21.77 27.29 23.60
C TYR D 55 -22.49 28.24 24.56
N TRP D 56 -23.74 27.94 24.87
CA TRP D 56 -24.59 28.84 25.69
C TRP D 56 -24.55 30.23 25.11
N ALA D 57 -24.54 30.32 23.79
CA ALA D 57 -24.42 31.54 22.96
C ALA D 57 -23.14 32.37 23.11
N SER D 58 -22.56 32.43 24.33
CA SER D 58 -21.49 33.38 24.57
C SER D 58 -20.29 32.83 25.39
N THR D 59 -20.27 31.55 25.67
CA THR D 59 -19.23 30.95 26.42
C THR D 59 -18.22 30.26 25.48
N ARG D 60 -17.00 30.76 25.44
CA ARG D 60 -15.93 30.10 24.66
C ARG D 60 -15.52 28.77 25.22
N GLU D 61 -15.42 27.79 24.35
CA GLU D 61 -14.83 26.51 24.70
C GLU D 61 -13.35 26.72 25.05
N SER D 62 -12.83 25.99 26.03
CA SER D 62 -11.42 26.08 26.39
C SER D 62 -10.53 25.87 25.18
N GLY D 63 -9.54 26.74 25.04
CA GLY D 63 -8.62 26.71 23.91
C GLY D 63 -8.92 27.66 22.76
N VAL D 64 -10.12 28.23 22.73
CA VAL D 64 -10.56 29.06 21.64
C VAL D 64 -10.16 30.48 21.91
N PRO D 65 -9.51 31.13 20.93
CA PRO D 65 -9.07 32.48 21.22
C PRO D 65 -10.17 33.47 21.43
N ASP D 66 -9.83 34.51 22.14
CA ASP D 66 -10.81 35.52 22.55
C ASP D 66 -11.22 36.47 21.43
N ARG D 67 -10.52 36.41 20.30
CA ARG D 67 -10.98 37.08 19.09
C ARG D 67 -12.35 36.57 18.64
N PHE D 68 -12.72 35.33 19.03
CA PHE D 68 -14.07 34.77 18.80
C PHE D 68 -15.03 35.15 19.94
N THR D 69 -16.09 35.88 19.59
CA THR D 69 -17.14 36.27 20.51
C THR D 69 -18.54 36.00 19.99
N GLY D 70 -19.33 35.32 20.81
CA GLY D 70 -20.69 34.97 20.58
C GLY D 70 -21.58 35.91 21.37
N SER D 71 -22.60 36.40 20.72
CA SER D 71 -23.59 37.21 21.40
C SER D 71 -25.02 36.94 20.91
N GLY D 72 -25.94 37.58 21.63
CA GLY D 72 -27.31 37.45 21.31
C GLY D 72 -28.07 36.61 22.33
N SER D 73 -29.38 36.56 22.09
CA SER D 73 -30.32 35.94 22.96
C SER D 73 -31.64 35.70 22.24
N GLY D 74 -32.40 34.76 22.77
CA GLY D 74 -33.74 34.48 22.28
C GLY D 74 -33.72 33.80 20.92
N THR D 75 -34.02 34.59 19.89
CA THR D 75 -34.00 34.08 18.48
C THR D 75 -32.93 34.67 17.55
N ASP D 76 -32.04 35.54 18.05
CA ASP D 76 -31.12 36.29 17.26
C ASP D 76 -29.72 36.31 17.84
N PHE D 77 -28.82 35.69 17.12
CA PHE D 77 -27.44 35.47 17.61
C PHE D 77 -26.43 35.93 16.62
N THR D 78 -25.21 36.21 17.10
CA THR D 78 -24.13 36.71 16.30
C THR D 78 -22.84 36.04 16.71
N LEU D 79 -22.00 35.73 15.71
CA LEU D 79 -20.62 35.42 15.93
C LEU D 79 -19.77 36.57 15.35
N THR D 80 -18.88 37.05 16.21
CA THR D 80 -17.88 38.10 15.84
C THR D 80 -16.50 37.54 15.86
N ILE D 81 -15.74 37.77 14.77
CA ILE D 81 -14.34 37.54 14.75
C ILE D 81 -13.66 38.92 14.64
N SER D 82 -12.93 39.30 15.68
CA SER D 82 -12.16 40.56 15.66
C SER D 82 -10.77 40.17 15.16
N SER D 83 -10.11 41.02 14.41
CA SER D 83 -8.81 40.70 13.80
C SER D 83 -8.70 39.25 13.24
N VAL D 84 -9.49 39.06 12.20
CA VAL D 84 -9.49 37.87 11.35
C VAL D 84 -8.05 37.56 11.03
N GLN D 85 -7.67 36.29 11.17
CA GLN D 85 -6.38 35.76 10.75
C GLN D 85 -6.61 34.83 9.56
N ALA D 86 -5.58 34.63 8.74
CA ALA D 86 -5.69 33.71 7.62
C ALA D 86 -6.02 32.26 8.03
N GLU D 87 -5.54 31.79 9.18
CA GLU D 87 -5.95 30.48 9.69
C GLU D 87 -7.44 30.38 10.01
N ASP D 88 -8.19 31.47 9.95
CA ASP D 88 -9.65 31.42 10.21
C ASP D 88 -10.47 31.12 8.98
N LEU D 89 -9.83 30.79 7.87
CA LEU D 89 -10.53 30.35 6.66
C LEU D 89 -11.28 29.07 6.98
N ALA D 90 -12.59 29.10 6.79
CA ALA D 90 -13.48 28.04 7.29
C ALA D 90 -14.93 28.39 6.97
N VAL D 91 -15.79 27.41 7.14
CA VAL D 91 -17.20 27.59 7.20
C VAL D 91 -17.62 27.52 8.65
N TYR D 92 -18.38 28.50 9.04
CA TYR D 92 -18.87 28.65 10.39
C TYR D 92 -20.37 28.31 10.45
N TYR D 93 -20.75 27.48 11.41
CA TYR D 93 -22.14 26.99 11.59
C TYR D 93 -22.67 27.29 12.99
N CYS D 94 -23.87 27.82 13.06
CA CYS D 94 -24.59 27.88 14.30
C CYS D 94 -25.36 26.60 14.48
N LYS D 95 -25.75 26.34 15.71
CA LYS D 95 -26.49 25.11 16.02
C LYS D 95 -27.26 25.19 17.31
N GLN D 96 -28.57 24.95 17.19
CA GLN D 96 -29.48 25.00 18.37
C GLN D 96 -29.58 23.64 19.01
N SER D 97 -29.61 23.59 20.33
CA SER D 97 -29.87 22.38 21.06
CA SER D 97 -29.87 22.36 21.06
C SER D 97 -31.00 22.55 22.09
N PHE D 98 -31.98 23.33 21.77
CA PHE D 98 -33.09 23.55 22.70
C PHE D 98 -33.97 22.32 22.67
N TYR D 99 -34.21 21.81 21.45
CA TYR D 99 -34.99 20.58 21.28
C TYR D 99 -34.45 19.91 20.01
N LEU D 100 -33.96 18.68 20.16
CA LEU D 100 -33.18 18.02 19.12
C LEU D 100 -31.98 19.00 18.76
N ARG D 101 -31.49 18.93 17.54
CA ARG D 101 -30.37 19.77 17.09
C ARG D 101 -30.72 20.21 15.73
N THR D 102 -30.36 21.43 15.37
CA THR D 102 -30.43 21.93 14.01
C THR D 102 -29.24 22.83 13.74
N PHE D 103 -28.49 22.52 12.71
CA PHE D 103 -27.45 23.40 12.21
C PHE D 103 -28.01 24.46 11.29
N GLY D 104 -27.51 25.68 11.44
CA GLY D 104 -27.62 26.66 10.35
C GLY D 104 -26.95 26.23 9.04
N GLY D 105 -27.28 26.93 7.95
CA GLY D 105 -26.76 26.64 6.60
C GLY D 105 -25.28 26.94 6.43
N GLY D 106 -24.68 27.72 7.39
CA GLY D 106 -23.26 27.98 7.37
C GLY D 106 -22.90 29.29 6.65
N THR D 107 -21.80 29.89 7.08
CA THR D 107 -21.27 31.10 6.50
C THR D 107 -19.81 30.87 6.21
N LYS D 108 -19.42 31.05 4.95
CA LYS D 108 -18.04 30.81 4.48
C LYS D 108 -17.29 32.09 4.60
N LEU D 109 -16.11 32.02 5.20
CA LEU D 109 -15.25 33.18 5.36
C LEU D 109 -14.07 33.06 4.43
N ASP D 110 -13.97 34.02 3.52
CA ASP D 110 -12.80 34.20 2.59
C ASP D 110 -11.95 35.41 3.04
N ILE D 111 -10.66 35.35 2.70
CA ILE D 111 -9.66 36.41 3.02
C ILE D 111 -9.27 37.17 1.72
N LYS D 112 -9.34 38.49 1.82
CA LYS D 112 -8.86 39.36 0.75
C LYS D 112 -7.38 39.63 1.01
N ARG D 113 -6.56 39.67 -0.05
CA ARG D 113 -5.16 39.95 0.14
C ARG D 113 -4.60 40.63 -1.11
N ALA D 114 -3.31 40.91 -1.10
CA ALA D 114 -2.71 41.63 -2.23
C ALA D 114 -2.70 40.69 -3.43
N ASP D 115 -2.79 41.25 -4.61
CA ASP D 115 -2.63 40.49 -5.82
C ASP D 115 -1.28 39.75 -5.92
N ALA D 116 -1.32 38.62 -6.63
CA ALA D 116 -0.15 37.74 -6.78
C ALA D 116 -0.26 36.97 -8.04
N ALA D 117 0.86 36.94 -8.77
CA ALA D 117 0.93 36.30 -10.02
C ALA D 117 1.24 34.87 -9.77
N PRO D 118 0.66 34.01 -10.58
CA PRO D 118 0.89 32.58 -10.44
C PRO D 118 2.31 32.14 -10.87
N THR D 119 2.80 31.09 -10.26
CA THR D 119 3.99 30.42 -10.74
C THR D 119 3.50 29.23 -11.51
N VAL D 120 3.94 29.12 -12.77
CA VAL D 120 3.42 28.11 -13.67
C VAL D 120 4.48 27.04 -13.96
N SER D 121 4.11 25.79 -13.86
CA SER D 121 4.95 24.65 -14.16
C SER D 121 4.23 23.69 -15.09
N ILE D 122 4.91 23.20 -16.13
CA ILE D 122 4.33 22.20 -17.07
C ILE D 122 5.07 20.88 -16.97
N PHE D 123 4.34 19.78 -17.18
CA PHE D 123 4.85 18.42 -16.98
C PHE D 123 4.39 17.54 -18.12
N PRO D 124 5.34 16.96 -18.84
CA PRO D 124 4.97 15.95 -19.79
C PRO D 124 4.47 14.67 -19.13
N PRO D 125 3.78 13.83 -19.91
CA PRO D 125 3.44 12.55 -19.39
C PRO D 125 4.60 11.74 -19.00
N SER D 126 4.41 10.96 -17.94
CA SER D 126 5.46 10.06 -17.48
C SER D 126 5.50 8.89 -18.44
N SER D 127 6.65 8.23 -18.56
CA SER D 127 6.78 6.98 -19.34
C SER D 127 5.91 5.87 -18.80
N GLU D 128 5.80 5.84 -17.48
CA GLU D 128 4.85 4.99 -16.82
C GLU D 128 3.44 5.11 -17.36
N GLN D 129 2.93 6.31 -17.58
CA GLN D 129 1.60 6.47 -18.11
C GLN D 129 1.57 6.02 -19.57
N LEU D 130 2.63 6.28 -20.29
CA LEU D 130 2.68 6.00 -21.72
C LEU D 130 2.55 4.51 -22.02
N THR D 131 3.11 3.67 -21.14
CA THR D 131 2.94 2.21 -21.25
C THR D 131 1.48 1.75 -21.07
N SER D 132 0.63 2.60 -20.50
CA SER D 132 -0.81 2.37 -20.42
C SER D 132 -1.64 2.75 -21.64
N GLY D 133 -1.08 3.45 -22.63
CA GLY D 133 -1.90 3.95 -23.74
C GLY D 133 -2.63 5.28 -23.52
N GLY D 134 -2.43 5.89 -22.35
CA GLY D 134 -2.84 7.27 -22.05
C GLY D 134 -1.67 8.24 -21.94
N ALA D 135 -1.96 9.54 -22.14
CA ALA D 135 -1.00 10.65 -21.97
C ALA D 135 -1.62 11.95 -21.38
N SER D 136 -1.28 12.26 -20.13
CA SER D 136 -1.76 13.50 -19.51
C SER D 136 -0.61 14.49 -19.41
N VAL D 137 -0.87 15.69 -19.87
CA VAL D 137 0.03 16.81 -19.71
C VAL D 137 -0.54 17.64 -18.55
N VAL D 138 0.29 17.96 -17.57
CA VAL D 138 -0.19 18.75 -16.39
C VAL D 138 0.53 20.06 -16.29
N CYS D 139 -0.24 21.08 -15.92
CA CYS D 139 0.24 22.39 -15.64
C CYS D 139 -0.28 22.86 -14.28
N PHE D 140 0.62 23.27 -13.40
CA PHE D 140 0.23 23.90 -12.16
C PHE D 140 0.40 25.40 -12.16
N LEU D 141 -0.61 26.11 -11.66
CA LEU D 141 -0.58 27.56 -11.53
C LEU D 141 -0.67 27.84 -10.06
N ASN D 142 0.44 28.16 -9.41
CA ASN D 142 0.50 28.03 -7.94
C ASN D 142 0.65 29.40 -7.28
N ASN D 143 -0.01 29.53 -6.13
CA ASN D 143 0.11 30.71 -5.27
C ASN D 143 -0.22 32.02 -5.93
N PHE D 144 -1.44 32.14 -6.42
CA PHE D 144 -1.90 33.35 -7.04
C PHE D 144 -3.13 33.93 -6.33
N TYR D 145 -3.35 35.24 -6.49
CA TYR D 145 -4.58 35.91 -5.98
C TYR D 145 -4.85 37.10 -6.89
N PRO D 146 -6.10 37.39 -7.26
CA PRO D 146 -7.32 36.66 -6.84
C PRO D 146 -7.61 35.37 -7.60
N LYS D 147 -8.67 34.71 -7.15
CA LYS D 147 -9.02 33.39 -7.65
C LYS D 147 -9.20 33.29 -9.16
N ASP D 148 -9.76 34.33 -9.76
CA ASP D 148 -10.12 34.23 -11.17
C ASP D 148 -8.85 34.09 -12.00
N ILE D 149 -8.84 33.13 -12.93
CA ILE D 149 -7.69 32.90 -13.82
C ILE D 149 -8.08 32.15 -15.10
N ASN D 150 -7.35 32.38 -16.18
CA ASN D 150 -7.62 31.69 -17.45
C ASN D 150 -6.45 30.81 -17.83
N VAL D 151 -6.74 29.61 -18.31
CA VAL D 151 -5.71 28.77 -18.89
C VAL D 151 -6.05 28.38 -20.31
N ARG D 152 -5.04 28.40 -21.17
CA ARG D 152 -5.26 28.02 -22.54
C ARG D 152 -4.14 27.07 -22.92
N TRP D 153 -4.51 25.92 -23.46
CA TRP D 153 -3.54 24.94 -23.93
C TRP D 153 -3.40 25.08 -25.44
N LYS D 154 -2.18 24.92 -25.92
CA LYS D 154 -1.85 24.94 -27.33
C LYS D 154 -1.00 23.77 -27.69
N ILE D 155 -1.35 23.10 -28.79
CA ILE D 155 -0.55 22.04 -29.35
C ILE D 155 -0.05 22.42 -30.76
N ASP D 156 1.29 22.47 -30.93
CA ASP D 156 1.91 22.98 -32.16
C ASP D 156 1.27 24.29 -32.62
N GLY D 157 1.09 25.21 -31.68
CA GLY D 157 0.48 26.52 -31.95
C GLY D 157 -1.03 26.64 -31.86
N SER D 158 -1.75 25.53 -32.08
CA SER D 158 -3.21 25.50 -32.12
C SER D 158 -3.86 25.27 -30.76
N GLU D 159 -4.79 26.16 -30.41
CA GLU D 159 -5.59 26.01 -29.19
C GLU D 159 -6.30 24.64 -29.11
N ARG D 160 -6.19 23.96 -27.97
CA ARG D 160 -6.88 22.69 -27.78
C ARG D 160 -8.00 22.88 -26.73
N GLN D 161 -9.21 22.45 -27.09
CA GLN D 161 -10.45 22.68 -26.34
C GLN D 161 -10.85 21.57 -25.37
N ASN D 162 -11.04 20.37 -25.90
CA ASN D 162 -11.59 19.22 -25.13
C ASN D 162 -10.48 18.34 -24.55
N GLY D 163 -10.80 17.66 -23.45
CA GLY D 163 -9.83 16.83 -22.72
C GLY D 163 -9.06 17.58 -21.62
N VAL D 164 -9.43 18.84 -21.41
CA VAL D 164 -8.89 19.66 -20.36
C VAL D 164 -9.81 19.68 -19.14
N LEU D 165 -9.24 19.37 -17.97
CA LEU D 165 -9.93 19.50 -16.68
C LEU D 165 -9.11 20.32 -15.66
N ASN D 166 -9.81 21.19 -14.94
CA ASN D 166 -9.17 22.17 -14.06
C ASN D 166 -9.69 22.07 -12.65
N SER D 167 -8.81 22.26 -11.65
CA SER D 167 -9.21 22.10 -10.26
C SER D 167 -8.51 23.13 -9.42
N TRP D 168 -9.28 23.93 -8.68
CA TRP D 168 -8.72 25.00 -7.81
C TRP D 168 -8.66 24.46 -6.40
N THR D 169 -7.58 24.81 -5.70
CA THR D 169 -7.47 24.55 -4.26
C THR D 169 -8.41 25.49 -3.48
N ASP D 170 -8.75 25.04 -2.30
CA ASP D 170 -9.21 25.99 -1.28
C ASP D 170 -8.13 27.05 -1.10
N GLN D 171 -8.56 28.24 -0.71
CA GLN D 171 -7.65 29.28 -0.30
C GLN D 171 -6.71 28.82 0.81
N ASP D 172 -5.42 29.07 0.65
CA ASP D 172 -4.44 28.52 1.58
C ASP D 172 -4.46 29.37 2.86
N SER D 173 -4.38 28.74 4.04
CA SER D 173 -4.22 29.48 5.31
C SER D 173 -2.85 30.15 5.46
N LYS D 174 -1.83 29.48 4.97
CA LYS D 174 -0.47 29.99 5.13
C LYS D 174 -0.21 31.32 4.41
N ASP D 175 -0.86 31.57 3.27
CA ASP D 175 -0.63 32.86 2.59
C ASP D 175 -1.81 33.48 1.89
N SER D 176 -2.97 32.86 2.05
CA SER D 176 -4.24 33.36 1.53
C SER D 176 -4.29 33.39 0.00
N THR D 177 -3.43 32.60 -0.67
CA THR D 177 -3.48 32.42 -2.12
C THR D 177 -4.32 31.24 -2.57
N TYR D 178 -4.53 31.17 -3.86
CA TYR D 178 -5.09 30.08 -4.53
C TYR D 178 -4.03 29.40 -5.41
N SER D 179 -4.27 28.13 -5.72
CA SER D 179 -3.54 27.44 -6.80
C SER D 179 -4.54 26.69 -7.59
N MET D 180 -4.15 26.29 -8.82
CA MET D 180 -5.00 25.55 -9.74
C MET D 180 -4.20 24.63 -10.60
N SER D 181 -4.73 23.43 -10.86
N SER D 181 -4.73 23.42 -10.82
CA SER D 181 -4.08 22.41 -11.69
CA SER D 181 -4.15 22.44 -11.71
C SER D 181 -4.97 22.18 -12.91
C SER D 181 -4.99 22.41 -12.97
N SER D 182 -4.32 22.13 -14.07
CA SER D 182 -4.97 21.98 -15.37
C SER D 182 -4.28 20.80 -16.02
N THR D 183 -5.08 19.82 -16.42
CA THR D 183 -4.62 18.57 -16.98
C THR D 183 -5.26 18.33 -18.32
N LEU D 184 -4.42 18.09 -19.31
CA LEU D 184 -4.89 17.71 -20.67
C LEU D 184 -4.61 16.25 -20.90
N THR D 185 -5.65 15.45 -21.15
CA THR D 185 -5.54 14.05 -21.35
C THR D 185 -5.80 13.67 -22.82
N LEU D 186 -4.90 12.88 -23.36
CA LEU D 186 -4.94 12.39 -24.75
C LEU D 186 -4.62 10.94 -24.76
N THR D 187 -4.86 10.30 -25.91
CA THR D 187 -4.33 8.96 -26.12
C THR D 187 -2.82 8.98 -26.40
N LYS D 188 -2.11 7.90 -26.06
CA LYS D 188 -0.66 7.77 -26.37
C LYS D 188 -0.41 8.05 -27.85
N ASP D 189 -1.24 7.46 -28.70
CA ASP D 189 -1.12 7.64 -30.16
C ASP D 189 -1.19 9.12 -30.55
N GLU D 190 -2.18 9.84 -30.04
CA GLU D 190 -2.31 11.22 -30.47
C GLU D 190 -1.20 12.11 -29.91
N TYR D 191 -0.87 11.94 -28.64
CA TYR D 191 0.27 12.63 -28.05
C TYR D 191 1.53 12.48 -28.92
N GLU D 192 1.80 11.25 -29.34
CA GLU D 192 2.97 10.95 -30.15
C GLU D 192 2.94 11.51 -31.57
N ARG D 193 1.80 12.02 -31.98
CA ARG D 193 1.64 12.60 -33.32
C ARG D 193 1.95 14.08 -33.34
N HIS D 194 2.08 14.74 -32.18
CA HIS D 194 2.42 16.19 -32.11
C HIS D 194 3.70 16.46 -31.30
N ASN D 195 4.18 17.70 -31.34
CA ASN D 195 5.51 18.04 -30.78
C ASN D 195 5.57 19.05 -29.67
N SER D 196 4.93 20.17 -29.88
CA SER D 196 5.00 21.27 -28.95
C SER D 196 3.74 21.38 -28.13
N TYR D 197 3.91 21.46 -26.82
CA TYR D 197 2.76 21.49 -25.89
C TYR D 197 2.95 22.66 -24.98
N THR D 198 1.93 23.48 -24.87
CA THR D 198 1.97 24.73 -24.15
C THR D 198 0.70 25.02 -23.31
N CYS D 199 0.91 25.55 -22.11
CA CYS D 199 -0.15 26.09 -21.26
C CYS D 199 0.16 27.57 -21.03
N GLU D 200 -0.87 28.38 -21.11
CA GLU D 200 -0.81 29.83 -21.07
C GLU D 200 -1.70 30.29 -19.96
N ALA D 201 -1.09 30.92 -18.96
CA ALA D 201 -1.82 31.37 -17.81
C ALA D 201 -2.09 32.85 -17.99
N THR D 202 -3.36 33.22 -18.07
CA THR D 202 -3.75 34.65 -18.02
C THR D 202 -4.52 35.06 -16.76
N HIS D 203 -3.97 36.05 -16.09
CA HIS D 203 -4.38 36.42 -14.78
C HIS D 203 -4.21 37.92 -14.76
N LYS D 204 -5.03 38.57 -13.94
CA LYS D 204 -5.13 40.04 -13.85
C LYS D 204 -3.81 40.73 -13.51
N THR D 205 -2.88 40.01 -12.87
CA THR D 205 -1.58 40.59 -12.54
C THR D 205 -0.71 40.99 -13.74
N SER D 206 -1.01 40.44 -14.94
CA SER D 206 -0.34 40.85 -16.17
C SER D 206 -1.25 40.74 -17.43
N THR D 207 -1.16 41.74 -18.30
CA THR D 207 -1.71 41.65 -19.69
C THR D 207 -1.03 40.50 -20.44
N SER D 208 0.22 40.26 -20.11
CA SER D 208 1.01 39.25 -20.76
C SER D 208 0.69 37.90 -20.10
N PRO D 209 0.31 36.88 -20.90
CA PRO D 209 0.11 35.53 -20.39
C PRO D 209 1.42 34.95 -19.98
N ILE D 210 1.40 34.09 -18.98
CA ILE D 210 2.60 33.38 -18.64
C ILE D 210 2.52 32.08 -19.40
N VAL D 211 3.58 31.78 -20.15
CA VAL D 211 3.59 30.66 -21.11
C VAL D 211 4.64 29.66 -20.67
N LYS D 212 4.25 28.41 -20.46
CA LYS D 212 5.22 27.31 -20.24
C LYS D 212 5.00 26.22 -21.29
N SER D 213 6.10 25.68 -21.80
CA SER D 213 6.12 24.78 -22.92
C SER D 213 7.12 23.68 -22.71
N PHE D 214 6.82 22.56 -23.34
CA PHE D 214 7.83 21.52 -23.61
C PHE D 214 7.66 20.97 -25.00
N ASN D 215 8.73 20.36 -25.48
CA ASN D 215 8.74 19.77 -26.78
C ASN D 215 8.90 18.27 -26.53
N ARG D 216 7.98 17.47 -27.08
CA ARG D 216 8.01 15.99 -26.86
C ARG D 216 9.34 15.37 -27.22
N ASN D 217 10.06 15.99 -28.15
CA ASN D 217 11.40 15.53 -28.51
C ASN D 217 12.57 15.99 -27.58
N GLU D 218 12.33 16.88 -26.60
CA GLU D 218 13.40 17.28 -25.64
C GLU D 218 13.62 16.17 -24.60
#